data_8GRQ
#
_entry.id   8GRQ
#
_cell.length_a   1.00
_cell.length_b   1.00
_cell.length_c   1.00
_cell.angle_alpha   90.00
_cell.angle_beta   90.00
_cell.angle_gamma   90.00
#
_symmetry.space_group_name_H-M   'P 1'
#
loop_
_entity.id
_entity.type
_entity.pdbx_description
1 polymer 'Histone H3'
2 polymer 'Histone H4'
3 polymer 'Histone H2A type 1-H'
4 polymer H2B
5 polymer 'DNA (147-MER)'
6 polymer 'DNA (147-MER)'
7 polymer 'Breast cancer type 1 susceptibility protein'
8 polymer 'BRCA1-associated RING domain protein 1'
9 polymer 'Ubiquitin-conjugating enzyme E2D 3 (UBC4/5 homolog, yeast), isoform CRA_a'
10 non-polymer 'ZINC ION'
#
loop_
_entity_poly.entity_id
_entity_poly.type
_entity_poly.pdbx_seq_one_letter_code
_entity_poly.pdbx_strand_id
1 'polypeptide(L)'
;KPHRYRPGTVALREIRRYQKSTELLIRKLPFQRLVREIAQDFKTDLRFQSSAVMALQEASEAYLVGLFEDTNLSAIHAKR
VTIMPKDIQLARRIRGER
;
A,E
2 'polypeptide(L)' LRDNIQGITKPAIRRLARRGGVKRISGLIYEETRGVLKVFLENVIRDAVTYTEHAKRKTVTAMDVVYALKRQGRTLYGFG B,F
3 'polypeptide(L)'
;ARAKAKTRSSRAGLQFPVGRVHRLLRKGNYSERVGAGAPVYLAAVLEYLTAEILELAGNAARDNKKTRIIPRHLQLAIRN
DEELNKLLGRVTIAQGGVLPNIQAVLLPKK
;
C,G
4 'polypeptide(L)'
;RSRKESYSVYVYKVLKQVHPDTGISSKAMGIMNSFVNDIFERIAGEASRLAHYNKRSTITSREIQTAVRLLLPGELAKHA
VSEGTKAVTKYTSARSRKESYSVYVYKVLKQVHPDTGISSKAMGIMNSFVNDIFERIAGEASRLAHYNKRSTITSREIQT
AVRLLLPGELAKHAVSEGTKAVTKYTSA
;
D,H
5 'polydeoxyribonucleotide'
;(DA)(DC)(DA)(DG)(DG)(DA)(DT)(DG)(DT)(DA)(DT)(DA)(DT)(DA)(DT)(DC)(DT)(DG)(DA)(DC)
(DA)(DC)(DG)(DT)(DG)(DC)(DC)(DT)(DG)(DG)(DA)(DG)(DA)(DC)(DT)(DA)(DG)(DG)(DG)(DA)
(DG)(DT)(DA)(DA)(DT)(DC)(DC)(DC)(DC)(DT)(DT)(DG)(DG)(DC)(DG)(DG)(DT)(DT)(DA)(DA)
(DA)(DA)(DC)(DG)(DC)(DG)(DG)(DG)(DG)(DG)(DA)(DC)(DA)(DG)(DC)(DG)(DC)(DG)(DT)(DA)
(DC)(DG)(DT)(DG)(DC)(DG)(DT)(DT)(DT)(DA)(DA)(DG)(DC)(DG)(DG)(DT)(DG)(DC)(DT)(DA)
(DG)(DA)(DG)(DC)(DT)(DG)(DT)(DC)(DT)(DA)(DC)(DG)(DA)(DC)(DC)(DA)(DA)(DT)(DT)(DG)
(DA)(DG)(DC)(DG)(DG)(DC)(DC)(DT)(DC)(DG)(DG)(DC)(DA)(DC)(DC)(DG)(DG)(DG)(DA)(DT)
(DT)(DC)(DT)(DC)(DC)(DA)(DG)
;
I
6 'polydeoxyribonucleotide'
;(DC)(DT)(DG)(DG)(DA)(DG)(DA)(DA)(DT)(DC)(DC)(DC)(DG)(DG)(DT)(DG)(DC)(DC)(DG)(DA)
(DG)(DG)(DC)(DC)(DG)(DC)(DT)(DC)(DA)(DA)(DT)(DT)(DG)(DG)(DT)(DC)(DG)(DT)(DA)(DG)
(DA)(DC)(DA)(DG)(DC)(DT)(DC)(DT)(DA)(DG)(DC)(DA)(DC)(DC)(DG)(DC)(DT)(DT)(DA)(DA)
(DA)(DC)(DG)(DC)(DA)(DC)(DG)(DT)(DA)(DC)(DG)(DC)(DG)(DC)(DT)(DG)(DT)(DC)(DC)(DC)
(DC)(DC)(DG)(DC)(DG)(DT)(DT)(DT)(DT)(DA)(DA)(DC)(DC)(DG)(DC)(DC)(DA)(DA)(DG)(DG)
(DG)(DG)(DA)(DT)(DT)(DA)(DC)(DT)(DC)(DC)(DC)(DT)(DA)(DG)(DT)(DC)(DT)(DC)(DC)(DA)
(DG)(DG)(DC)(DA)(DC)(DG)(DT)(DG)(DT)(DC)(DA)(DG)(DA)(DT)(DA)(DT)(DA)(DT)(DA)(DC)
(DA)(DT)(DC)(DC)(DT)(DG)(DT)
;
J
7 'polypeptide(L)'
;LRVEEVQNVINAMQKILECPICLELIKEPVSTKCDHIFCKFCMLKLLNQKKGPSQCPLCKNDITKRSLQESTRFSQLVEE
LLKIICAFQLDT
;
K
8 'polypeptide(L)'
;MEPDGRGAWAHSRAALDRLEKLLRCSRCTNILREPVCLGGCEHIFCSNCVSDCIGTGCPVCYTPAWIQDLKINRQLDSMI
QLCSKLRNLLHD
;
M
9 'polypeptide(L)'
;MALKRINKELSDLARDPPAQSSAGPVGDDMFHWQATIMGPNDSPYQGGVFFLTIHFPTDYPFKPPKVAFTTRIYHPNINS
NGSICLDILRSQWSPALTISKVLLSISSLLSDPNPDDPLVPEIARIYKTDRDKYNRISREWTQKYAM
;
N
#
loop_
_chem_comp.id
_chem_comp.type
_chem_comp.name
_chem_comp.formula
DA DNA linking 2'-DEOXYADENOSINE-5'-MONOPHOSPHATE 'C10 H14 N5 O6 P'
DC DNA linking 2'-DEOXYCYTIDINE-5'-MONOPHOSPHATE 'C9 H14 N3 O7 P'
DG DNA linking 2'-DEOXYGUANOSINE-5'-MONOPHOSPHATE 'C10 H14 N5 O7 P'
DT DNA linking THYMIDINE-5'-MONOPHOSPHATE 'C10 H15 N2 O8 P'
ZN non-polymer 'ZINC ION' 'Zn 2'
#
# COMPACT_ATOMS: atom_id res chain seq x y z
N LYS A 1 7.42 57.26 -10.13
CA LYS A 1 8.19 56.04 -10.32
C LYS A 1 7.62 54.94 -9.43
N PRO A 2 7.11 53.87 -10.04
CA PRO A 2 6.49 52.79 -9.26
C PRO A 2 7.51 52.09 -8.37
N HIS A 3 7.05 51.68 -7.19
CA HIS A 3 7.89 51.04 -6.19
C HIS A 3 7.69 49.54 -6.25
N ARG A 4 8.81 48.80 -6.39
CA ARG A 4 8.76 47.35 -6.44
C ARG A 4 9.86 46.78 -5.57
N TYR A 5 9.48 45.86 -4.68
CA TYR A 5 10.47 45.15 -3.87
C TYR A 5 11.22 44.13 -4.72
N ARG A 6 12.42 43.79 -4.27
CA ARG A 6 13.15 42.70 -4.90
C ARG A 6 12.41 41.39 -4.66
N PRO A 7 12.50 40.44 -5.58
CA PRO A 7 11.78 39.18 -5.41
C PRO A 7 12.27 38.39 -4.21
N GLY A 8 11.42 38.23 -3.21
CA GLY A 8 11.77 37.46 -2.03
C GLY A 8 11.41 38.10 -0.71
N THR A 9 11.45 39.43 -0.65
CA THR A 9 11.14 40.10 0.61
C THR A 9 9.67 39.93 1.00
N VAL A 10 8.76 40.16 0.05
CA VAL A 10 7.36 39.88 0.32
C VAL A 10 7.12 38.39 0.53
N ALA A 11 7.92 37.53 -0.12
CA ALA A 11 7.82 36.10 0.14
C ALA A 11 8.11 35.80 1.61
N LEU A 12 9.18 36.36 2.16
CA LEU A 12 9.50 36.14 3.57
C LEU A 12 8.45 36.78 4.49
N ARG A 13 7.97 37.97 4.16
CA ARG A 13 6.96 38.59 5.01
C ARG A 13 5.68 37.78 5.05
N GLU A 14 5.28 37.16 3.93
CA GLU A 14 4.11 36.30 3.91
C GLU A 14 4.40 34.89 4.38
N ILE A 15 5.68 34.50 4.49
CA ILE A 15 6.03 33.35 5.31
C ILE A 15 5.72 33.64 6.77
N ARG A 16 6.18 34.79 7.26
CA ARG A 16 5.95 35.18 8.65
C ARG A 16 4.47 35.35 8.93
N ARG A 17 3.73 35.95 8.01
CA ARG A 17 2.30 36.18 8.23
C ARG A 17 1.53 34.88 8.41
N TYR A 18 1.83 33.86 7.61
CA TYR A 18 1.10 32.61 7.68
C TYR A 18 1.70 31.61 8.67
N GLN A 19 2.91 31.84 9.17
CA GLN A 19 3.45 30.96 10.18
C GLN A 19 3.09 31.39 11.60
N LYS A 20 2.33 32.47 11.76
CA LYS A 20 1.95 32.95 13.08
C LYS A 20 0.48 32.71 13.42
N SER A 21 -0.39 32.61 12.42
CA SER A 21 -1.81 32.43 12.65
C SER A 21 -2.26 31.05 12.16
N THR A 22 -3.55 30.75 12.35
CA THR A 22 -4.08 29.43 12.07
C THR A 22 -5.31 29.42 11.18
N GLU A 23 -5.52 30.44 10.36
CA GLU A 23 -6.69 30.45 9.50
C GLU A 23 -6.60 29.35 8.44
N LEU A 24 -7.76 28.86 8.02
CA LEU A 24 -7.84 27.85 6.97
C LEU A 24 -7.42 28.50 5.66
N LEU A 25 -6.61 27.78 4.88
CA LEU A 25 -6.07 28.33 3.64
C LEU A 25 -6.81 27.87 2.39
N ILE A 26 -7.40 26.68 2.41
CA ILE A 26 -8.14 26.18 1.26
C ILE A 26 -9.59 26.61 1.37
N ARG A 27 -10.15 27.04 0.24
CA ARG A 27 -11.53 27.53 0.23
C ARG A 27 -12.50 26.40 0.53
N LYS A 28 -13.40 26.67 1.48
CA LYS A 28 -14.22 25.62 2.09
C LYS A 28 -15.19 24.99 1.10
N LEU A 29 -15.87 25.81 0.29
CA LEU A 29 -16.87 25.26 -0.62
C LEU A 29 -16.25 24.34 -1.68
N PRO A 30 -15.21 24.78 -2.41
CA PRO A 30 -14.55 23.82 -3.32
C PRO A 30 -13.92 22.65 -2.61
N PHE A 31 -13.39 22.84 -1.39
CA PHE A 31 -12.86 21.69 -0.68
C PHE A 31 -13.93 20.65 -0.40
N GLN A 32 -15.10 21.07 0.08
CA GLN A 32 -16.15 20.10 0.38
C GLN A 32 -16.72 19.51 -0.90
N ARG A 33 -16.77 20.28 -1.99
CA ARG A 33 -17.16 19.70 -3.27
C ARG A 33 -16.20 18.60 -3.70
N LEU A 34 -14.89 18.85 -3.59
CA LEU A 34 -13.90 17.84 -3.95
C LEU A 34 -14.03 16.61 -3.06
N VAL A 35 -14.28 16.82 -1.76
CA VAL A 35 -14.42 15.71 -0.84
C VAL A 35 -15.63 14.87 -1.21
N ARG A 36 -16.75 15.52 -1.54
CA ARG A 36 -17.95 14.80 -1.93
C ARG A 36 -17.74 14.04 -3.23
N GLU A 37 -17.03 14.63 -4.19
CA GLU A 37 -16.69 13.92 -5.42
C GLU A 37 -15.81 12.71 -5.14
N ILE A 38 -14.90 12.82 -4.18
CA ILE A 38 -14.10 11.65 -3.80
C ILE A 38 -14.98 10.58 -3.21
N ALA A 39 -15.91 10.97 -2.34
CA ALA A 39 -16.74 9.99 -1.66
C ALA A 39 -17.74 9.31 -2.58
N GLN A 40 -18.18 9.99 -3.65
CA GLN A 40 -19.21 9.38 -4.49
C GLN A 40 -18.69 8.18 -5.29
N ASP A 41 -17.38 7.94 -5.32
CA ASP A 41 -16.85 6.75 -5.98
C ASP A 41 -17.09 5.48 -5.17
N PHE A 42 -17.48 5.60 -3.91
CA PHE A 42 -17.68 4.44 -3.06
C PHE A 42 -19.15 4.15 -2.79
N LYS A 43 -19.90 5.14 -2.29
CA LYS A 43 -21.33 5.00 -2.06
C LYS A 43 -22.04 6.24 -2.57
N THR A 44 -23.22 6.04 -3.14
CA THR A 44 -23.97 7.15 -3.70
C THR A 44 -24.82 7.85 -2.63
N ASP A 45 -25.08 9.13 -2.86
CA ASP A 45 -25.97 9.92 -2.03
C ASP A 45 -25.57 9.90 -0.55
N LEU A 46 -24.29 10.02 -0.26
CA LEU A 46 -23.84 10.07 1.12
C LEU A 46 -23.97 11.48 1.67
N ARG A 47 -24.28 11.57 2.97
CA ARG A 47 -24.47 12.84 3.63
C ARG A 47 -23.33 13.10 4.59
N PHE A 48 -22.85 14.35 4.62
CA PHE A 48 -21.67 14.73 5.36
C PHE A 48 -22.03 15.77 6.41
N GLN A 49 -21.39 15.66 7.57
CA GLN A 49 -21.54 16.69 8.60
C GLN A 49 -20.48 17.77 8.43
N SER A 50 -20.85 18.98 8.85
CA SER A 50 -19.91 20.10 8.81
C SER A 50 -18.68 19.80 9.65
N SER A 51 -18.86 19.19 10.81
CA SER A 51 -17.74 18.74 11.61
C SER A 51 -16.87 17.73 10.88
N ALA A 52 -17.47 16.78 10.16
CA ALA A 52 -16.69 15.81 9.41
C ALA A 52 -15.85 16.47 8.31
N VAL A 53 -16.46 17.38 7.54
CA VAL A 53 -15.69 18.02 6.48
C VAL A 53 -14.62 18.93 7.07
N MET A 54 -14.90 19.58 8.20
CA MET A 54 -13.88 20.38 8.88
C MET A 54 -12.71 19.52 9.36
N ALA A 55 -12.99 18.34 9.91
CA ALA A 55 -11.92 17.44 10.32
C ALA A 55 -11.11 16.97 9.12
N LEU A 56 -11.77 16.64 8.02
CA LEU A 56 -11.04 16.28 6.80
C LEU A 56 -10.14 17.42 6.36
N GLN A 57 -10.65 18.65 6.40
CA GLN A 57 -9.79 19.81 6.13
C GLN A 57 -8.57 19.80 7.05
N GLU A 58 -8.81 19.94 8.35
CA GLU A 58 -7.72 19.97 9.34
C GLU A 58 -6.67 18.92 9.06
N ALA A 59 -7.09 17.71 8.69
CA ALA A 59 -6.13 16.69 8.30
C ALA A 59 -5.39 17.06 7.00
N SER A 60 -6.15 17.54 6.03
CA SER A 60 -5.65 17.92 4.73
C SER A 60 -4.51 18.92 4.72
N GLU A 61 -4.71 20.09 5.31
CA GLU A 61 -3.65 21.10 5.30
C GLU A 61 -2.50 20.71 6.22
N ALA A 62 -2.80 19.96 7.29
CA ALA A 62 -1.70 19.47 8.14
C ALA A 62 -0.78 18.54 7.37
N TYR A 63 -1.33 17.58 6.63
CA TYR A 63 -0.50 16.68 5.84
C TYR A 63 0.27 17.44 4.77
N LEU A 64 -0.39 18.40 4.10
CA LEU A 64 0.29 19.17 3.06
C LEU A 64 1.41 20.02 3.62
N VAL A 65 1.21 20.65 4.78
CA VAL A 65 2.25 21.51 5.34
C VAL A 65 3.41 20.65 5.82
N GLY A 66 3.14 19.46 6.35
CA GLY A 66 4.22 18.56 6.70
C GLY A 66 5.02 18.12 5.49
N LEU A 67 4.33 17.76 4.39
CA LEU A 67 5.02 17.37 3.17
C LEU A 67 5.87 18.51 2.62
N PHE A 68 5.34 19.74 2.65
CA PHE A 68 6.11 20.89 2.19
C PHE A 68 7.29 21.19 3.10
N GLU A 69 7.14 21.03 4.41
CA GLU A 69 8.28 21.16 5.31
C GLU A 69 9.38 20.16 4.94
N ASP A 70 9.01 18.91 4.68
CA ASP A 70 10.01 17.92 4.29
C ASP A 70 10.67 18.28 2.96
N THR A 71 9.87 18.65 1.96
CA THR A 71 10.44 18.93 0.65
C THR A 71 11.25 20.22 0.61
N ASN A 72 10.98 21.18 1.49
CA ASN A 72 11.81 22.37 1.54
C ASN A 72 13.23 22.03 1.98
N LEU A 73 13.36 21.22 3.03
CA LEU A 73 14.67 20.76 3.45
C LEU A 73 15.32 19.87 2.41
N SER A 74 14.50 19.14 1.66
CA SER A 74 15.02 18.31 0.57
C SER A 74 15.65 19.21 -0.49
N ALA A 75 14.97 20.30 -0.85
CA ALA A 75 15.47 21.24 -1.85
C ALA A 75 16.72 21.97 -1.37
N ILE A 76 16.74 22.41 -0.10
CA ILE A 76 17.93 23.11 0.38
C ILE A 76 19.11 22.15 0.46
N HIS A 77 18.86 20.87 0.75
CA HIS A 77 19.94 19.88 0.66
C HIS A 77 20.39 19.70 -0.78
N ALA A 78 19.49 19.90 -1.74
CA ALA A 78 19.85 19.85 -3.15
C ALA A 78 20.61 21.10 -3.61
N LYS A 79 21.06 21.93 -2.67
CA LYS A 79 21.84 23.14 -2.96
C LYS A 79 21.06 24.09 -3.87
N ARG A 80 19.78 24.25 -3.56
CA ARG A 80 18.93 25.20 -4.26
C ARG A 80 17.80 25.62 -3.35
N VAL A 81 17.17 26.74 -3.69
CA VAL A 81 16.10 27.31 -2.88
C VAL A 81 14.73 27.13 -3.50
N THR A 82 14.64 26.62 -4.73
CA THR A 82 13.37 26.41 -5.40
C THR A 82 13.01 24.94 -5.34
N ILE A 83 11.82 24.64 -4.80
CA ILE A 83 11.36 23.26 -4.72
C ILE A 83 10.95 22.80 -6.11
N MET A 84 11.28 21.56 -6.43
CA MET A 84 11.01 20.93 -7.71
C MET A 84 10.20 19.67 -7.49
N PRO A 85 9.48 19.19 -8.51
CA PRO A 85 8.66 17.98 -8.33
C PRO A 85 9.44 16.77 -7.87
N LYS A 86 10.71 16.63 -8.26
CA LYS A 86 11.53 15.52 -7.80
C LYS A 86 11.74 15.54 -6.29
N ASP A 87 11.80 16.73 -5.69
CA ASP A 87 12.02 16.83 -4.26
C ASP A 87 10.88 16.23 -3.45
N ILE A 88 9.63 16.50 -3.83
CA ILE A 88 8.52 15.97 -3.05
C ILE A 88 8.38 14.47 -3.25
N GLN A 89 8.69 13.97 -4.45
CA GLN A 89 8.69 12.52 -4.63
C GLN A 89 9.79 11.87 -3.82
N LEU A 90 10.97 12.48 -3.74
CA LEU A 90 12.00 11.95 -2.85
C LEU A 90 11.54 11.96 -1.40
N ALA A 91 10.88 13.04 -0.97
CA ALA A 91 10.40 13.11 0.40
C ALA A 91 9.35 12.05 0.69
N ARG A 92 8.44 11.81 -0.25
CA ARG A 92 7.40 10.81 -0.08
C ARG A 92 7.93 9.38 -0.18
N ARG A 93 9.02 9.16 -0.91
CA ARG A 93 9.65 7.85 -0.94
C ARG A 93 10.49 7.58 0.30
N ILE A 94 11.15 8.60 0.84
CA ILE A 94 11.95 8.42 2.04
C ILE A 94 11.06 8.06 3.23
N ARG A 95 9.95 8.79 3.40
CA ARG A 95 9.05 8.51 4.51
C ARG A 95 8.33 7.19 4.37
N GLY A 96 8.13 6.71 3.15
CA GLY A 96 7.54 5.41 2.94
C GLY A 96 6.08 5.42 2.54
N GLU A 97 5.67 6.42 1.76
CA GLU A 97 4.33 6.43 1.18
C GLU A 97 4.29 5.80 -0.21
N ARG A 98 5.43 5.36 -0.75
CA ARG A 98 5.46 4.66 -2.02
C ARG A 98 6.48 3.52 -1.99
N LEU B 1 -21.37 15.56 -9.96
CA LEU B 1 -20.31 16.33 -9.31
C LEU B 1 -18.95 15.94 -9.88
N ARG B 2 -18.42 16.77 -10.78
CA ARG B 2 -17.16 16.48 -11.43
C ARG B 2 -16.34 17.76 -11.54
N ASP B 3 -15.03 17.59 -11.77
CA ASP B 3 -14.13 18.66 -12.13
C ASP B 3 -14.07 19.77 -11.06
N ASN B 4 -13.57 19.39 -9.89
CA ASN B 4 -13.20 20.35 -8.86
C ASN B 4 -11.82 20.12 -8.29
N ILE B 5 -11.07 19.13 -8.78
CA ILE B 5 -9.69 18.97 -8.34
C ILE B 5 -8.85 20.19 -8.69
N GLN B 6 -9.20 20.91 -9.76
CA GLN B 6 -8.60 22.20 -10.05
C GLN B 6 -9.17 23.30 -9.17
N GLY B 7 -10.19 23.01 -8.37
CA GLY B 7 -10.70 23.97 -7.40
C GLY B 7 -9.70 24.30 -6.30
N ILE B 8 -8.67 23.48 -6.14
CA ILE B 8 -7.57 23.80 -5.25
C ILE B 8 -6.69 24.80 -5.98
N THR B 9 -6.94 26.09 -5.75
CA THR B 9 -6.35 27.13 -6.58
C THR B 9 -4.84 27.22 -6.37
N LYS B 10 -4.17 27.80 -7.37
CA LYS B 10 -2.74 28.04 -7.27
C LYS B 10 -2.36 28.87 -6.05
N PRO B 11 -3.00 30.00 -5.75
CA PRO B 11 -2.66 30.72 -4.51
C PRO B 11 -2.91 29.91 -3.25
N ALA B 12 -3.91 29.02 -3.23
CA ALA B 12 -4.12 28.17 -2.06
C ALA B 12 -2.93 27.24 -1.84
N ILE B 13 -2.44 26.61 -2.92
CA ILE B 13 -1.27 25.75 -2.80
C ILE B 13 -0.05 26.55 -2.37
N ARG B 14 0.13 27.74 -2.94
CA ARG B 14 1.26 28.58 -2.54
C ARG B 14 1.18 28.94 -1.07
N ARG B 15 -0.01 29.28 -0.58
CA ARG B 15 -0.17 29.62 0.83
C ARG B 15 0.09 28.42 1.73
N LEU B 16 -0.38 27.23 1.34
CA LEU B 16 -0.06 26.04 2.11
C LEU B 16 1.43 25.79 2.18
N ALA B 17 2.13 25.89 1.04
CA ALA B 17 3.57 25.67 1.03
C ALA B 17 4.30 26.72 1.85
N ARG B 18 3.85 27.97 1.81
CA ARG B 18 4.48 29.02 2.58
C ARG B 18 4.19 28.93 4.07
N ARG B 19 3.08 28.30 4.46
CA ARG B 19 2.93 27.94 5.86
C ARG B 19 4.00 26.95 6.30
N GLY B 20 4.45 26.08 5.39
CA GLY B 20 5.58 25.22 5.66
C GLY B 20 6.88 25.97 5.53
N GLY B 21 6.82 27.16 4.92
CA GLY B 21 7.98 28.03 4.90
C GLY B 21 8.93 27.84 3.75
N VAL B 22 8.42 27.71 2.53
CA VAL B 22 9.26 27.62 1.34
C VAL B 22 9.38 29.02 0.73
N LYS B 23 10.57 29.33 0.20
CA LYS B 23 10.82 30.66 -0.35
C LYS B 23 10.36 30.77 -1.80
N ARG B 24 10.86 29.91 -2.67
CA ARG B 24 10.56 29.97 -4.09
C ARG B 24 9.96 28.65 -4.55
N ILE B 25 8.91 28.74 -5.36
CA ILE B 25 8.15 27.57 -5.80
C ILE B 25 8.20 27.50 -7.31
N SER B 26 8.58 26.34 -7.84
CA SER B 26 8.58 26.14 -9.28
C SER B 26 7.15 26.01 -9.80
N GLY B 27 6.98 26.25 -11.10
CA GLY B 27 5.67 26.16 -11.70
C GLY B 27 5.18 24.74 -11.91
N LEU B 28 6.07 23.76 -11.82
CA LEU B 28 5.73 22.36 -12.07
C LEU B 28 5.37 21.61 -10.79
N ILE B 29 4.85 22.28 -9.77
CA ILE B 29 4.56 21.62 -8.51
C ILE B 29 3.07 21.33 -8.33
N TYR B 30 2.22 22.15 -8.93
CA TYR B 30 0.81 22.21 -8.58
C TYR B 30 0.08 20.92 -8.96
N GLU B 31 0.39 20.36 -10.12
CA GLU B 31 -0.32 19.18 -10.58
C GLU B 31 -0.06 17.97 -9.69
N GLU B 32 1.20 17.69 -9.36
CA GLU B 32 1.44 16.54 -8.50
C GLU B 32 1.07 16.81 -7.05
N THR B 33 1.07 18.08 -6.62
CA THR B 33 0.46 18.35 -5.33
C THR B 33 -1.03 18.03 -5.34
N ARG B 34 -1.73 18.39 -6.42
CA ARG B 34 -3.11 17.94 -6.59
C ARG B 34 -3.21 16.43 -6.50
N GLY B 35 -2.31 15.73 -7.18
CA GLY B 35 -2.31 14.27 -7.17
C GLY B 35 -2.11 13.65 -5.81
N VAL B 36 -1.12 14.14 -5.05
CA VAL B 36 -0.86 13.57 -3.73
C VAL B 36 -1.99 13.91 -2.76
N LEU B 37 -2.51 15.14 -2.84
CA LEU B 37 -3.65 15.50 -2.00
C LEU B 37 -4.85 14.61 -2.33
N LYS B 38 -5.09 14.40 -3.62
CA LYS B 38 -6.06 13.41 -4.08
C LYS B 38 -5.86 12.08 -3.38
N VAL B 39 -4.65 11.52 -3.50
CA VAL B 39 -4.36 10.20 -2.96
C VAL B 39 -4.67 10.15 -1.48
N PHE B 40 -4.32 11.21 -0.74
CA PHE B 40 -4.67 11.28 0.67
C PHE B 40 -6.18 11.21 0.86
N LEU B 41 -6.94 11.90 0.01
CA LEU B 41 -8.39 11.83 0.10
C LEU B 41 -8.93 10.42 -0.13
N GLU B 42 -8.53 9.74 -1.21
CA GLU B 42 -9.10 8.40 -1.32
C GLU B 42 -8.50 7.42 -0.32
N ASN B 43 -7.40 7.76 0.34
CA ASN B 43 -6.91 6.96 1.46
C ASN B 43 -7.72 7.14 2.73
N VAL B 44 -8.26 8.34 2.96
CA VAL B 44 -9.01 8.57 4.20
C VAL B 44 -10.49 8.24 4.03
N ILE B 45 -11.13 8.81 3.01
CA ILE B 45 -12.58 8.60 2.86
C ILE B 45 -12.90 7.15 2.54
N ARG B 46 -11.98 6.40 1.91
CA ARG B 46 -12.25 4.99 1.67
C ARG B 46 -12.50 4.25 2.99
N ASP B 47 -11.71 4.57 4.02
CA ASP B 47 -11.94 3.97 5.33
C ASP B 47 -13.14 4.60 6.04
N ALA B 48 -13.33 5.90 5.87
CA ALA B 48 -14.43 6.57 6.56
C ALA B 48 -15.79 6.04 6.11
N VAL B 49 -15.97 5.85 4.80
CA VAL B 49 -17.25 5.35 4.31
C VAL B 49 -17.48 3.92 4.79
N THR B 50 -16.42 3.12 4.87
CA THR B 50 -16.58 1.77 5.39
C THR B 50 -16.99 1.79 6.87
N TYR B 51 -16.36 2.66 7.66
CA TYR B 51 -16.79 2.86 9.04
C TYR B 51 -18.26 3.22 9.13
N THR B 52 -18.72 4.15 8.28
CA THR B 52 -20.12 4.57 8.32
C THR B 52 -21.05 3.42 7.93
N GLU B 53 -20.78 2.78 6.80
CA GLU B 53 -21.67 1.73 6.32
C GLU B 53 -21.70 0.51 7.22
N HIS B 54 -20.64 0.27 8.00
CA HIS B 54 -20.70 -0.81 8.98
C HIS B 54 -21.79 -0.55 10.02
N ALA B 55 -21.96 0.70 10.42
CA ALA B 55 -23.01 1.07 11.36
C ALA B 55 -24.37 1.21 10.70
N LYS B 56 -24.46 0.95 9.39
CA LYS B 56 -25.71 0.96 8.65
C LYS B 56 -26.39 2.33 8.73
N ARG B 57 -25.59 3.37 8.57
CA ARG B 57 -26.10 4.73 8.47
C ARG B 57 -25.47 5.41 7.27
N LYS B 58 -26.23 6.29 6.64
CA LYS B 58 -25.79 6.94 5.41
C LYS B 58 -25.21 8.34 5.63
N THR B 59 -24.98 8.74 6.88
CA THR B 59 -24.40 10.04 7.19
C THR B 59 -23.01 9.83 7.79
N VAL B 60 -22.01 10.52 7.25
CA VAL B 60 -20.64 10.38 7.71
C VAL B 60 -20.39 11.37 8.85
N THR B 61 -20.00 10.86 10.01
CA THR B 61 -19.74 11.69 11.17
C THR B 61 -18.28 12.14 11.19
N ALA B 62 -18.03 13.21 11.94
CA ALA B 62 -16.66 13.59 12.25
C ALA B 62 -15.98 12.54 13.10
N MET B 63 -16.75 11.80 13.88
CA MET B 63 -16.20 10.73 14.69
C MET B 63 -15.53 9.68 13.80
N ASP B 64 -16.20 9.29 12.71
CA ASP B 64 -15.62 8.31 11.79
C ASP B 64 -14.40 8.87 11.08
N VAL B 65 -14.42 10.17 10.74
CA VAL B 65 -13.27 10.77 10.08
C VAL B 65 -12.04 10.73 10.99
N VAL B 66 -12.19 11.18 12.23
CA VAL B 66 -11.05 11.13 13.15
C VAL B 66 -10.68 9.68 13.44
N TYR B 67 -11.64 8.76 13.33
CA TYR B 67 -11.38 7.35 13.53
C TYR B 67 -10.43 6.83 12.46
N ALA B 68 -10.73 7.17 11.21
CA ALA B 68 -9.88 6.80 10.08
C ALA B 68 -8.51 7.45 10.16
N LEU B 69 -8.44 8.72 10.58
CA LEU B 69 -7.13 9.33 10.79
C LEU B 69 -6.34 8.62 11.89
N LYS B 70 -7.01 8.23 12.98
CA LYS B 70 -6.33 7.50 14.05
C LYS B 70 -5.81 6.16 13.57
N ARG B 71 -6.58 5.43 12.77
CA ARG B 71 -6.14 4.11 12.33
C ARG B 71 -5.00 4.18 11.33
N GLN B 72 -4.67 5.36 10.81
CA GLN B 72 -3.54 5.53 9.91
C GLN B 72 -2.33 6.15 10.60
N GLY B 73 -2.36 6.28 11.92
CA GLY B 73 -1.22 6.81 12.65
C GLY B 73 -1.04 8.32 12.55
N ARG B 74 -2.11 9.05 12.27
CA ARG B 74 -2.08 10.50 12.19
C ARG B 74 -3.29 11.06 12.95
N THR B 75 -3.46 10.59 14.17
CA THR B 75 -4.60 10.94 15.03
C THR B 75 -4.82 12.45 15.08
N LEU B 76 -6.08 12.84 15.23
CA LEU B 76 -6.48 14.24 15.24
C LEU B 76 -7.15 14.56 16.57
N TYR B 77 -6.90 15.76 17.09
CA TYR B 77 -7.50 16.24 18.31
C TYR B 77 -8.46 17.39 18.02
N GLY B 78 -9.53 17.46 18.80
CA GLY B 78 -10.46 18.57 18.68
C GLY B 78 -11.85 18.17 18.22
N PHE B 79 -12.10 16.87 18.10
CA PHE B 79 -13.39 16.39 17.64
C PHE B 79 -13.95 15.25 18.49
N GLY B 80 -13.25 14.82 19.53
CA GLY B 80 -13.75 13.75 20.38
C GLY B 80 -12.90 12.50 20.32
N ALA C 1 -22.48 -42.65 21.42
CA ALA C 1 -23.89 -43.02 21.39
C ALA C 1 -24.75 -41.82 21.00
N ARG C 2 -24.14 -40.64 20.96
CA ARG C 2 -24.85 -39.41 20.60
C ARG C 2 -24.76 -39.18 19.10
N ALA C 3 -23.53 -39.03 18.60
CA ALA C 3 -23.23 -38.81 17.19
C ALA C 3 -21.72 -38.80 17.03
N LYS C 4 -21.26 -39.01 15.81
CA LYS C 4 -19.85 -38.92 15.51
C LYS C 4 -19.44 -37.45 15.43
N ALA C 5 -18.47 -37.07 16.25
CA ALA C 5 -18.07 -35.66 16.34
C ALA C 5 -17.31 -35.25 15.08
N LYS C 6 -17.83 -34.24 14.39
CA LYS C 6 -17.18 -33.68 13.22
C LYS C 6 -16.61 -32.30 13.57
N THR C 7 -15.36 -32.08 13.19
CA THR C 7 -14.71 -30.81 13.48
C THR C 7 -15.36 -29.67 12.70
N ARG C 8 -15.45 -28.51 13.35
CA ARG C 8 -16.00 -27.34 12.69
C ARG C 8 -15.19 -26.92 11.47
N SER C 9 -13.88 -27.16 11.49
CA SER C 9 -13.06 -26.92 10.31
C SER C 9 -13.47 -27.78 9.13
N SER C 10 -13.77 -29.06 9.36
CA SER C 10 -14.29 -29.92 8.32
C SER C 10 -15.72 -29.58 7.93
N ARG C 11 -16.49 -28.99 8.85
CA ARG C 11 -17.83 -28.52 8.50
C ARG C 11 -17.79 -27.46 7.42
N ALA C 12 -16.84 -26.53 7.51
CA ALA C 12 -16.71 -25.44 6.55
C ALA C 12 -15.66 -25.71 5.48
N GLY C 13 -15.09 -26.91 5.43
CA GLY C 13 -14.10 -27.25 4.43
C GLY C 13 -12.82 -26.47 4.58
N LEU C 14 -12.34 -26.33 5.82
CA LEU C 14 -11.12 -25.61 6.12
C LEU C 14 -10.16 -26.51 6.89
N GLN C 15 -8.87 -26.22 6.76
CA GLN C 15 -7.83 -26.93 7.48
C GLN C 15 -7.41 -26.22 8.76
N PHE C 16 -7.55 -24.90 8.81
CA PHE C 16 -7.25 -24.17 10.04
C PHE C 16 -8.25 -24.53 11.14
N PRO C 17 -7.78 -24.65 12.38
CA PRO C 17 -8.68 -25.08 13.45
C PRO C 17 -9.64 -23.97 13.87
N VAL C 18 -10.92 -24.19 13.59
CA VAL C 18 -11.96 -23.25 13.98
C VAL C 18 -12.09 -23.20 15.50
N GLY C 19 -12.01 -24.35 16.16
CA GLY C 19 -12.10 -24.37 17.61
C GLY C 19 -10.97 -23.62 18.29
N ARG C 20 -9.75 -23.78 17.79
CA ARG C 20 -8.62 -23.05 18.38
C ARG C 20 -8.79 -21.54 18.20
N VAL C 21 -9.24 -21.12 17.02
CA VAL C 21 -9.48 -19.70 16.79
C VAL C 21 -10.57 -19.18 17.70
N HIS C 22 -11.65 -19.95 17.90
CA HIS C 22 -12.72 -19.53 18.79
C HIS C 22 -12.22 -19.42 20.23
N ARG C 23 -11.40 -20.37 20.67
CA ARG C 23 -10.84 -20.29 22.02
C ARG C 23 -9.95 -19.08 22.18
N LEU C 24 -9.11 -18.80 21.18
CA LEU C 24 -8.25 -17.62 21.25
C LEU C 24 -9.07 -16.33 21.25
N LEU C 25 -10.17 -16.30 20.51
CA LEU C 25 -11.03 -15.12 20.51
C LEU C 25 -11.67 -14.91 21.87
N ARG C 26 -12.23 -15.98 22.45
CA ARG C 26 -12.91 -15.84 23.73
C ARG C 26 -11.95 -15.59 24.89
N LYS C 27 -10.70 -16.06 24.80
CA LYS C 27 -9.71 -15.82 25.83
C LYS C 27 -8.72 -14.72 25.44
N GLY C 28 -8.96 -14.02 24.34
CA GLY C 28 -8.09 -12.95 23.89
C GLY C 28 -8.45 -11.57 24.39
N ASN C 29 -9.43 -11.45 25.30
CA ASN C 29 -9.83 -10.18 25.89
C ASN C 29 -10.26 -9.18 24.81
N TYR C 30 -11.14 -9.65 23.92
CA TYR C 30 -11.69 -8.82 22.85
C TYR C 30 -13.14 -8.45 23.07
N SER C 31 -13.96 -9.38 23.54
CA SER C 31 -15.34 -9.09 23.91
C SER C 31 -15.81 -10.18 24.86
N GLU C 32 -16.88 -9.87 25.60
CA GLU C 32 -17.40 -10.85 26.54
C GLU C 32 -18.23 -11.92 25.84
N ARG C 33 -18.55 -11.72 24.56
CA ARG C 33 -19.20 -12.77 23.79
C ARG C 33 -18.79 -12.65 22.33
N VAL C 34 -18.70 -13.80 21.67
CA VAL C 34 -18.20 -13.90 20.30
C VAL C 34 -19.20 -14.69 19.48
N GLY C 35 -19.49 -14.22 18.27
CA GLY C 35 -20.41 -14.91 17.40
C GLY C 35 -19.86 -16.22 16.87
N ALA C 36 -20.77 -17.05 16.36
CA ALA C 36 -20.39 -18.37 15.89
C ALA C 36 -19.64 -18.33 14.56
N GLY C 37 -20.04 -17.45 13.65
CA GLY C 37 -19.40 -17.39 12.34
C GLY C 37 -18.11 -16.63 12.28
N ALA C 38 -17.76 -15.89 13.34
CA ALA C 38 -16.53 -15.11 13.36
C ALA C 38 -15.28 -15.98 13.22
N PRO C 39 -15.11 -17.05 14.02
CA PRO C 39 -13.94 -17.91 13.81
C PRO C 39 -13.92 -18.59 12.45
N VAL C 40 -15.08 -18.97 11.92
CA VAL C 40 -15.12 -19.59 10.60
C VAL C 40 -14.63 -18.62 9.55
N TYR C 41 -15.10 -17.36 9.61
CA TYR C 41 -14.66 -16.36 8.65
C TYR C 41 -13.17 -16.07 8.80
N LEU C 42 -12.70 -15.94 10.04
CA LEU C 42 -11.30 -15.64 10.31
C LEU C 42 -10.37 -16.74 9.82
N ALA C 43 -10.75 -18.00 10.04
CA ALA C 43 -9.94 -19.11 9.55
C ALA C 43 -9.84 -19.11 8.04
N ALA C 44 -10.93 -18.85 7.33
CA ALA C 44 -10.88 -18.76 5.88
C ALA C 44 -9.99 -17.62 5.41
N VAL C 45 -10.08 -16.46 6.04
CA VAL C 45 -9.23 -15.34 5.64
C VAL C 45 -7.76 -15.67 5.85
N LEU C 46 -7.42 -16.22 7.01
CA LEU C 46 -6.04 -16.59 7.27
C LEU C 46 -5.55 -17.68 6.31
N GLU C 47 -6.43 -18.64 5.98
CA GLU C 47 -6.06 -19.66 5.01
C GLU C 47 -5.78 -19.06 3.65
N TYR C 48 -6.60 -18.11 3.20
CA TYR C 48 -6.32 -17.45 1.93
C TYR C 48 -4.98 -16.74 1.96
N LEU C 49 -4.71 -16.00 3.04
CA LEU C 49 -3.43 -15.29 3.13
C LEU C 49 -2.25 -16.24 3.09
N THR C 50 -2.26 -17.28 3.93
CA THR C 50 -1.13 -18.20 3.96
C THR C 50 -1.02 -19.00 2.66
N ALA C 51 -2.14 -19.31 2.00
CA ALA C 51 -2.07 -20.00 0.72
C ALA C 51 -1.42 -19.14 -0.35
N GLU C 52 -1.79 -17.86 -0.43
CA GLU C 52 -1.14 -16.98 -1.38
C GLU C 52 0.35 -16.86 -1.10
N ILE C 53 0.71 -16.69 0.17
CA ILE C 53 2.12 -16.56 0.53
C ILE C 53 2.88 -17.84 0.17
N LEU C 54 2.30 -19.00 0.49
CA LEU C 54 2.96 -20.27 0.20
C LEU C 54 3.12 -20.52 -1.29
N GLU C 55 2.10 -20.21 -2.11
CA GLU C 55 2.25 -20.44 -3.54
C GLU C 55 3.28 -19.50 -4.14
N LEU C 56 3.31 -18.24 -3.70
CA LEU C 56 4.36 -17.35 -4.17
C LEU C 56 5.75 -17.83 -3.75
N ALA C 57 5.89 -18.28 -2.51
CA ALA C 57 7.17 -18.80 -2.04
C ALA C 57 7.59 -20.04 -2.82
N GLY C 58 6.65 -20.94 -3.10
CA GLY C 58 6.97 -22.11 -3.90
C GLY C 58 7.39 -21.77 -5.31
N ASN C 59 6.71 -20.80 -5.93
CA ASN C 59 7.16 -20.33 -7.24
C ASN C 59 8.59 -19.80 -7.18
N ALA C 60 8.88 -18.98 -6.17
CA ALA C 60 10.23 -18.46 -6.01
C ALA C 60 11.27 -19.57 -5.80
N ALA C 61 10.97 -20.53 -4.93
CA ALA C 61 11.90 -21.63 -4.66
C ALA C 61 12.14 -22.49 -5.89
N ARG C 62 11.09 -22.81 -6.64
CA ARG C 62 11.26 -23.55 -7.88
C ARG C 62 12.05 -22.75 -8.91
N ASP C 63 11.89 -21.43 -8.91
CA ASP C 63 12.76 -20.60 -9.74
C ASP C 63 14.19 -20.63 -9.25
N ASN C 64 14.41 -20.88 -7.95
CA ASN C 64 15.74 -21.03 -7.39
C ASN C 64 16.16 -22.50 -7.37
N LYS C 65 15.34 -23.39 -7.92
CA LYS C 65 15.67 -24.80 -8.09
C LYS C 65 15.86 -25.51 -6.74
N LYS C 66 15.07 -25.11 -5.75
CA LYS C 66 15.06 -25.76 -4.45
C LYS C 66 13.67 -26.32 -4.17
N THR C 67 13.63 -27.38 -3.38
CA THR C 67 12.37 -28.01 -2.99
C THR C 67 11.93 -27.66 -1.58
N ARG C 68 12.74 -26.91 -0.84
CA ARG C 68 12.40 -26.49 0.52
C ARG C 68 12.38 -24.97 0.57
N ILE C 69 11.39 -24.43 1.28
CA ILE C 69 11.26 -22.98 1.40
C ILE C 69 12.19 -22.49 2.50
N ILE C 70 13.05 -21.54 2.16
CA ILE C 70 13.89 -20.86 3.15
C ILE C 70 13.39 -19.42 3.23
N PRO C 71 13.76 -18.65 4.26
CA PRO C 71 13.24 -17.28 4.37
C PRO C 71 13.56 -16.40 3.16
N ARG C 72 14.59 -16.74 2.38
CA ARG C 72 14.90 -15.94 1.20
C ARG C 72 13.74 -15.93 0.21
N HIS C 73 13.13 -17.11 -0.02
CA HIS C 73 11.99 -17.16 -0.93
C HIS C 73 10.81 -16.36 -0.42
N LEU C 74 10.51 -16.44 0.88
CA LEU C 74 9.43 -15.63 1.43
C LEU C 74 9.70 -14.14 1.27
N GLN C 75 10.92 -13.71 1.60
CA GLN C 75 11.28 -12.31 1.43
C GLN C 75 11.10 -11.86 -0.02
N LEU C 76 11.66 -12.64 -0.97
CA LEU C 76 11.55 -12.27 -2.37
C LEU C 76 10.11 -12.23 -2.83
N ALA C 77 9.29 -13.20 -2.43
CA ALA C 77 7.90 -13.23 -2.88
C ALA C 77 7.12 -12.03 -2.35
N ILE C 78 7.21 -11.77 -1.05
CA ILE C 78 6.39 -10.71 -0.48
C ILE C 78 6.88 -9.33 -0.93
N ARG C 79 8.19 -9.19 -1.15
CA ARG C 79 8.68 -7.90 -1.63
C ARG C 79 8.52 -7.73 -3.13
N ASN C 80 8.32 -8.80 -3.89
CA ASN C 80 8.05 -8.68 -5.31
C ASN C 80 6.57 -8.45 -5.59
N ASP C 81 5.68 -9.06 -4.82
CA ASP C 81 4.27 -8.74 -4.94
C ASP C 81 4.03 -7.35 -4.36
N GLU C 82 3.54 -6.45 -5.21
CA GLU C 82 3.42 -5.05 -4.83
C GLU C 82 2.50 -4.83 -3.64
N GLU C 83 1.35 -5.50 -3.60
CA GLU C 83 0.36 -5.26 -2.56
C GLU C 83 0.72 -5.97 -1.26
N LEU C 84 1.21 -7.21 -1.35
CA LEU C 84 1.78 -7.85 -0.17
C LEU C 84 2.94 -7.05 0.40
N ASN C 85 3.69 -6.34 -0.45
CA ASN C 85 4.77 -5.51 0.07
C ASN C 85 4.24 -4.38 0.94
N LYS C 86 3.20 -3.68 0.51
CA LYS C 86 2.68 -2.61 1.36
C LYS C 86 1.99 -3.16 2.59
N LEU C 87 1.31 -4.30 2.46
CA LEU C 87 0.71 -4.93 3.64
C LEU C 87 1.78 -5.33 4.65
N LEU C 88 2.93 -5.81 4.20
CA LEU C 88 4.02 -6.24 5.07
C LEU C 88 5.29 -5.44 4.81
N GLY C 89 5.15 -4.13 4.59
CA GLY C 89 6.31 -3.29 4.41
C GLY C 89 6.99 -2.87 5.68
N ARG C 90 6.39 -3.18 6.83
CA ARG C 90 6.86 -2.67 8.11
C ARG C 90 7.37 -3.81 8.99
N VAL C 91 7.62 -4.97 8.39
CA VAL C 91 8.02 -6.18 9.11
C VAL C 91 9.42 -6.56 8.65
N THR C 92 10.18 -7.22 9.53
CA THR C 92 11.53 -7.64 9.22
C THR C 92 11.63 -9.16 9.31
N ILE C 93 12.32 -9.77 8.34
CA ILE C 93 12.49 -11.21 8.27
C ILE C 93 13.94 -11.54 8.60
N ALA C 94 14.14 -12.46 9.54
CA ALA C 94 15.48 -12.97 9.82
C ALA C 94 15.96 -13.82 8.65
N GLN C 95 17.23 -13.63 8.28
CA GLN C 95 17.86 -14.36 7.17
C GLN C 95 17.08 -14.17 5.87
N GLY C 96 16.57 -12.97 5.66
CA GLY C 96 15.78 -12.67 4.48
C GLY C 96 16.54 -11.92 3.41
N GLY C 97 17.47 -11.08 3.82
CA GLY C 97 18.24 -10.31 2.86
C GLY C 97 17.40 -9.21 2.23
N VAL C 98 18.00 -8.59 1.21
CA VAL C 98 17.34 -7.50 0.49
C VAL C 98 17.21 -7.89 -0.98
N LEU C 99 16.65 -6.99 -1.78
CA LEU C 99 16.39 -7.35 -3.17
C LEU C 99 17.48 -6.85 -4.09
N PRO C 100 17.80 -7.59 -5.14
CA PRO C 100 18.82 -7.12 -6.10
C PRO C 100 18.32 -5.98 -6.96
N ASN C 101 18.83 -4.77 -6.72
CA ASN C 101 18.49 -3.62 -7.53
C ASN C 101 19.66 -2.64 -7.51
N ILE C 102 19.98 -2.09 -8.68
CA ILE C 102 21.10 -1.17 -8.84
C ILE C 102 20.57 0.14 -9.42
N GLN C 103 20.99 1.26 -8.85
CA GLN C 103 20.58 2.55 -9.35
C GLN C 103 21.15 2.79 -10.75
N ALA C 104 20.41 3.53 -11.57
CA ALA C 104 20.81 3.77 -12.94
C ALA C 104 22.11 4.54 -13.06
N VAL C 105 22.34 5.56 -12.23
CA VAL C 105 23.56 6.35 -12.34
C VAL C 105 24.78 5.56 -11.86
N LEU C 106 24.57 4.58 -10.98
CA LEU C 106 25.69 3.85 -10.40
C LEU C 106 26.32 2.86 -11.37
N LEU C 107 25.52 2.23 -12.23
CA LEU C 107 26.08 1.30 -13.21
C LEU C 107 26.91 2.07 -14.23
N PRO C 108 27.92 1.42 -14.84
CA PRO C 108 28.83 2.16 -15.73
C PRO C 108 28.15 2.72 -16.96
N LYS C 109 28.86 3.58 -17.69
CA LYS C 109 28.30 4.24 -18.86
C LYS C 109 27.94 3.21 -19.92
N LYS C 110 28.83 2.25 -20.14
CA LYS C 110 28.63 1.19 -21.13
C LYS C 110 28.39 1.80 -22.51
N ARG D 1 7.83 -30.73 29.89
CA ARG D 1 6.92 -31.55 29.10
C ARG D 1 5.66 -30.77 28.75
N SER D 2 5.71 -29.46 28.91
CA SER D 2 4.55 -28.62 28.64
C SER D 2 4.18 -28.67 27.16
N ARG D 3 2.88 -28.63 26.89
CA ARG D 3 2.36 -28.71 25.55
C ARG D 3 2.14 -27.31 25.00
N LYS D 4 2.78 -27.00 23.87
CA LYS D 4 2.66 -25.69 23.22
C LYS D 4 1.99 -25.86 21.87
N GLU D 5 1.19 -24.87 21.50
CA GLU D 5 0.43 -24.91 20.27
C GLU D 5 1.08 -24.07 19.19
N SER D 6 1.05 -24.57 17.96
CA SER D 6 1.55 -23.85 16.81
C SER D 6 0.65 -24.16 15.62
N TYR D 7 0.91 -23.48 14.50
CA TYR D 7 0.12 -23.62 13.29
C TYR D 7 0.86 -24.39 12.21
N SER D 8 1.94 -25.06 12.59
CA SER D 8 2.80 -25.74 11.62
C SER D 8 2.07 -26.85 10.87
N VAL D 9 1.26 -27.65 11.55
CA VAL D 9 0.57 -28.75 10.88
C VAL D 9 -0.39 -28.22 9.83
N TYR D 10 -1.16 -27.18 10.18
CA TYR D 10 -2.09 -26.59 9.22
C TYR D 10 -1.37 -25.92 8.05
N VAL D 11 -0.29 -25.19 8.33
CA VAL D 11 0.49 -24.59 7.24
C VAL D 11 1.02 -25.68 6.31
N TYR D 12 1.49 -26.79 6.89
CA TYR D 12 1.98 -27.91 6.10
C TYR D 12 0.88 -28.52 5.24
N LYS D 13 -0.34 -28.69 5.78
CA LYS D 13 -1.44 -29.18 4.96
C LYS D 13 -1.75 -28.23 3.82
N VAL D 14 -1.76 -26.93 4.10
CA VAL D 14 -2.02 -25.95 3.03
C VAL D 14 -0.95 -26.05 1.95
N LEU D 15 0.32 -26.18 2.35
CA LEU D 15 1.38 -26.33 1.36
C LEU D 15 1.20 -27.59 0.54
N LYS D 16 0.95 -28.73 1.19
CA LYS D 16 0.78 -29.96 0.44
C LYS D 16 -0.49 -29.96 -0.41
N GLN D 17 -1.42 -29.03 -0.14
CA GLN D 17 -2.58 -28.87 -0.99
C GLN D 17 -2.34 -27.94 -2.18
N VAL D 18 -1.48 -26.93 -2.04
CA VAL D 18 -1.23 -25.97 -3.11
C VAL D 18 -0.06 -26.42 -3.99
N HIS D 19 1.08 -26.75 -3.39
CA HIS D 19 2.23 -27.30 -4.09
C HIS D 19 2.56 -28.63 -3.44
N PRO D 20 2.11 -29.74 -4.04
CA PRO D 20 2.27 -31.05 -3.39
C PRO D 20 3.71 -31.53 -3.29
N ASP D 21 4.68 -30.79 -3.82
CA ASP D 21 6.07 -31.22 -3.84
C ASP D 21 7.02 -30.13 -3.36
N THR D 22 6.69 -29.51 -2.23
CA THR D 22 7.52 -28.45 -1.68
C THR D 22 7.64 -28.65 -0.17
N GLY D 23 8.80 -28.27 0.38
CA GLY D 23 9.07 -28.40 1.79
C GLY D 23 9.29 -27.07 2.48
N ILE D 24 9.34 -27.13 3.81
CA ILE D 24 9.52 -25.95 4.65
C ILE D 24 10.70 -26.18 5.58
N SER D 25 11.56 -25.17 5.68
CA SER D 25 12.62 -25.16 6.67
C SER D 25 12.07 -24.74 8.03
N SER D 26 12.78 -25.11 9.10
CA SER D 26 12.31 -24.78 10.44
C SER D 26 12.23 -23.27 10.65
N LYS D 27 13.26 -22.54 10.20
CA LYS D 27 13.21 -21.08 10.31
C LYS D 27 12.08 -20.50 9.47
N ALA D 28 11.88 -21.00 8.26
CA ALA D 28 10.76 -20.56 7.44
C ALA D 28 9.43 -20.90 8.07
N MET D 29 9.29 -22.07 8.67
CA MET D 29 8.05 -22.43 9.34
C MET D 29 7.76 -21.51 10.52
N GLY D 30 8.79 -21.19 11.32
CA GLY D 30 8.62 -20.22 12.37
C GLY D 30 8.25 -18.84 11.89
N ILE D 31 8.85 -18.39 10.78
CA ILE D 31 8.46 -17.11 10.19
C ILE D 31 7.01 -17.13 9.75
N MET D 32 6.57 -18.22 9.12
CA MET D 32 5.18 -18.32 8.72
C MET D 32 4.24 -18.31 9.91
N ASN D 33 4.58 -19.03 10.99
CA ASN D 33 3.75 -19.01 12.18
C ASN D 33 3.68 -17.62 12.79
N SER D 34 4.81 -16.91 12.85
CA SER D 34 4.81 -15.54 13.36
C SER D 34 3.97 -14.62 12.50
N PHE D 35 4.04 -14.76 11.18
CA PHE D 35 3.21 -13.96 10.29
C PHE D 35 1.73 -14.22 10.54
N VAL D 36 1.36 -15.50 10.68
CA VAL D 36 -0.05 -15.83 10.90
C VAL D 36 -0.51 -15.26 12.24
N ASN D 37 0.33 -15.35 13.27
CA ASN D 37 -0.02 -14.76 14.55
C ASN D 37 -0.19 -13.24 14.45
N ASP D 38 0.69 -12.57 13.71
CA ASP D 38 0.58 -11.12 13.55
C ASP D 38 -0.72 -10.75 12.84
N ILE D 39 -1.06 -11.47 11.78
CA ILE D 39 -2.31 -11.19 11.08
C ILE D 39 -3.51 -11.45 11.98
N PHE D 40 -3.47 -12.54 12.75
CA PHE D 40 -4.57 -12.83 13.66
C PHE D 40 -4.73 -11.72 14.68
N GLU D 41 -3.62 -11.24 15.24
CA GLU D 41 -3.67 -10.13 16.19
C GLU D 41 -4.22 -8.85 15.57
N ARG D 42 -3.78 -8.50 14.36
CA ARG D 42 -4.32 -7.32 13.71
C ARG D 42 -5.82 -7.43 13.50
N ILE D 43 -6.28 -8.56 12.94
CA ILE D 43 -7.70 -8.72 12.67
C ILE D 43 -8.50 -8.70 13.96
N ALA D 44 -8.04 -9.42 14.98
CA ALA D 44 -8.77 -9.48 16.24
C ALA D 44 -8.83 -8.12 16.92
N GLY D 45 -7.73 -7.38 16.94
CA GLY D 45 -7.76 -6.05 17.51
C GLY D 45 -8.68 -5.12 16.77
N GLU D 46 -8.66 -5.13 15.45
CA GLU D 46 -9.55 -4.26 14.69
C GLU D 46 -11.01 -4.64 14.90
N ALA D 47 -11.33 -5.93 14.89
CA ALA D 47 -12.71 -6.36 15.09
C ALA D 47 -13.19 -6.04 16.50
N SER D 48 -12.35 -6.23 17.51
CA SER D 48 -12.74 -5.88 18.87
C SER D 48 -13.02 -4.40 19.01
N ARG D 49 -12.18 -3.55 18.42
CA ARG D 49 -12.48 -2.13 18.44
C ARG D 49 -13.79 -1.83 17.74
N LEU D 50 -13.97 -2.30 16.50
CA LEU D 50 -15.20 -2.02 15.76
C LEU D 50 -16.42 -2.44 16.55
N ALA D 51 -16.35 -3.57 17.25
CA ALA D 51 -17.45 -3.94 18.15
C ALA D 51 -17.60 -2.93 19.28
N HIS D 52 -16.49 -2.49 19.86
CA HIS D 52 -16.56 -1.60 21.02
C HIS D 52 -17.16 -0.24 20.69
N TYR D 53 -16.81 0.35 19.55
CA TYR D 53 -17.15 1.75 19.31
C TYR D 53 -18.65 1.91 19.08
N ASN D 54 -19.30 0.95 18.43
CA ASN D 54 -20.72 1.01 18.15
C ASN D 54 -21.56 0.48 19.30
N LYS D 55 -21.03 0.48 20.53
CA LYS D 55 -21.75 0.00 21.71
C LYS D 55 -22.22 -1.45 21.51
N ARG D 56 -21.42 -2.23 20.81
CA ARG D 56 -21.74 -3.62 20.55
C ARG D 56 -20.97 -4.51 21.52
N SER D 57 -21.42 -5.75 21.66
CA SER D 57 -20.83 -6.68 22.60
C SER D 57 -20.42 -8.00 21.98
N THR D 58 -20.81 -8.27 20.73
CA THR D 58 -20.60 -9.56 20.11
C THR D 58 -19.65 -9.40 18.92
N ILE D 59 -18.73 -10.35 18.77
CA ILE D 59 -17.86 -10.40 17.60
C ILE D 59 -18.54 -11.27 16.56
N THR D 60 -19.17 -10.64 15.58
CA THR D 60 -19.89 -11.34 14.53
C THR D 60 -19.08 -11.30 13.24
N SER D 61 -19.63 -11.88 12.17
CA SER D 61 -18.94 -11.92 10.90
C SER D 61 -18.89 -10.56 10.22
N ARG D 62 -19.86 -9.68 10.48
CA ARG D 62 -19.93 -8.42 9.75
C ARG D 62 -18.77 -7.49 10.09
N GLU D 63 -18.50 -7.27 11.38
CA GLU D 63 -17.42 -6.36 11.76
C GLU D 63 -16.05 -6.97 11.57
N ILE D 64 -15.88 -8.29 11.67
CA ILE D 64 -14.62 -8.89 11.27
C ILE D 64 -14.39 -8.80 9.76
N GLN D 65 -15.45 -8.93 8.95
CA GLN D 65 -15.33 -8.64 7.53
C GLN D 65 -14.93 -7.19 7.28
N THR D 66 -15.52 -6.27 8.04
CA THR D 66 -15.15 -4.87 7.91
C THR D 66 -13.68 -4.65 8.29
N ALA D 67 -13.23 -5.28 9.37
CA ALA D 67 -11.83 -5.17 9.76
C ALA D 67 -10.90 -5.72 8.69
N VAL D 68 -11.28 -6.84 8.07
CA VAL D 68 -10.51 -7.37 6.95
C VAL D 68 -10.47 -6.36 5.82
N ARG D 69 -11.61 -5.73 5.52
CA ARG D 69 -11.65 -4.76 4.42
C ARG D 69 -10.74 -3.58 4.69
N LEU D 70 -10.71 -3.06 5.92
CA LEU D 70 -9.80 -1.96 6.22
C LEU D 70 -8.34 -2.40 6.21
N LEU D 71 -8.03 -3.57 6.76
CA LEU D 71 -6.62 -3.97 6.86
C LEU D 71 -6.07 -4.57 5.57
N LEU D 72 -6.80 -5.46 4.93
CA LEU D 72 -6.26 -6.06 3.72
C LEU D 72 -6.32 -5.07 2.55
N PRO D 73 -5.24 -4.92 1.79
CA PRO D 73 -5.20 -3.94 0.71
C PRO D 73 -5.83 -4.42 -0.58
N GLY D 74 -6.68 -3.56 -1.15
CA GLY D 74 -7.15 -3.78 -2.50
C GLY D 74 -7.89 -5.08 -2.68
N GLU D 75 -7.65 -5.74 -3.82
CA GLU D 75 -8.37 -6.96 -4.15
C GLU D 75 -7.96 -8.14 -3.26
N LEU D 76 -6.88 -8.02 -2.49
CA LEU D 76 -6.66 -9.00 -1.42
C LEU D 76 -7.86 -9.07 -0.50
N ALA D 77 -8.37 -7.92 -0.08
CA ALA D 77 -9.60 -7.86 0.69
C ALA D 77 -10.79 -8.41 -0.09
N LYS D 78 -10.89 -8.09 -1.38
CA LYS D 78 -12.01 -8.56 -2.19
C LYS D 78 -12.07 -10.07 -2.29
N HIS D 79 -10.93 -10.72 -2.51
CA HIS D 79 -10.90 -12.18 -2.53
C HIS D 79 -11.11 -12.78 -1.16
N ALA D 80 -10.48 -12.20 -0.13
CA ALA D 80 -10.60 -12.71 1.23
C ALA D 80 -12.02 -12.64 1.75
N VAL D 81 -12.73 -11.53 1.53
CA VAL D 81 -14.10 -11.45 2.02
C VAL D 81 -14.99 -12.47 1.31
N SER D 82 -14.81 -12.63 0.00
CA SER D 82 -15.61 -13.60 -0.73
C SER D 82 -15.36 -15.01 -0.24
N GLU D 83 -14.09 -15.36 -0.03
CA GLU D 83 -13.77 -16.72 0.40
C GLU D 83 -14.18 -16.97 1.84
N GLY D 84 -14.14 -15.96 2.70
CA GLY D 84 -14.68 -16.10 4.03
C GLY D 84 -16.19 -16.27 4.04
N THR D 85 -16.87 -15.47 3.21
CA THR D 85 -18.33 -15.54 3.16
C THR D 85 -18.81 -16.88 2.62
N LYS D 86 -18.18 -17.40 1.56
CA LYS D 86 -18.62 -18.71 1.08
C LYS D 86 -18.39 -19.80 2.12
N ALA D 87 -17.26 -19.74 2.83
CA ALA D 87 -17.00 -20.72 3.87
C ALA D 87 -18.04 -20.64 4.98
N VAL D 88 -18.37 -19.42 5.43
CA VAL D 88 -19.39 -19.27 6.47
C VAL D 88 -20.74 -19.75 5.97
N THR D 89 -21.08 -19.44 4.72
CA THR D 89 -22.36 -19.87 4.17
C THR D 89 -22.45 -21.39 4.12
N LYS D 90 -21.39 -22.05 3.67
CA LYS D 90 -21.45 -23.51 3.57
C LYS D 90 -21.38 -24.15 4.94
N TYR D 91 -20.74 -23.50 5.91
CA TYR D 91 -20.80 -23.97 7.29
C TYR D 91 -22.22 -23.89 7.83
N THR D 92 -22.92 -22.79 7.57
CA THR D 92 -24.30 -22.64 8.02
C THR D 92 -25.25 -23.58 7.29
N SER D 93 -24.97 -23.91 6.03
CA SER D 93 -25.82 -24.81 5.28
C SER D 93 -25.78 -26.25 5.80
N ALA D 94 -24.80 -26.57 6.64
CA ALA D 94 -24.69 -27.91 7.20
C ALA D 94 -24.62 -27.86 8.72
N PRO E 2 51.17 -4.90 -14.37
CA PRO E 2 50.24 -5.89 -13.81
C PRO E 2 48.78 -5.44 -13.93
N HIS E 3 47.86 -6.38 -13.75
CA HIS E 3 46.44 -6.08 -13.85
C HIS E 3 46.01 -5.17 -12.71
N ARG E 4 45.04 -4.30 -13.00
CA ARG E 4 44.53 -3.36 -12.02
C ARG E 4 43.12 -2.97 -12.39
N TYR E 5 42.16 -3.30 -11.54
CA TYR E 5 40.77 -2.90 -11.74
C TYR E 5 40.59 -1.43 -11.43
N ARG E 6 39.96 -0.71 -12.34
CA ARG E 6 39.66 0.68 -12.08
C ARG E 6 38.58 0.80 -11.02
N PRO E 7 38.59 1.88 -10.23
CA PRO E 7 37.61 2.02 -9.14
C PRO E 7 36.18 2.11 -9.64
N GLY E 8 35.35 1.13 -9.30
CA GLY E 8 33.96 1.15 -9.69
C GLY E 8 33.39 -0.20 -10.07
N THR E 9 34.26 -1.17 -10.36
CA THR E 9 33.80 -2.50 -10.74
C THR E 9 33.82 -3.48 -9.57
N VAL E 10 34.86 -3.44 -8.73
CA VAL E 10 34.88 -4.29 -7.55
C VAL E 10 33.72 -3.92 -6.62
N ALA E 11 33.44 -2.62 -6.49
CA ALA E 11 32.31 -2.19 -5.69
C ALA E 11 31.00 -2.76 -6.23
N LEU E 12 30.78 -2.69 -7.54
CA LEU E 12 29.55 -3.23 -8.11
C LEU E 12 29.46 -4.75 -7.93
N ARG E 13 30.56 -5.48 -8.15
CA ARG E 13 30.51 -6.92 -7.98
C ARG E 13 30.27 -7.31 -6.52
N GLU E 14 30.82 -6.58 -5.56
CA GLU E 14 30.55 -6.93 -4.17
C GLU E 14 29.15 -6.50 -3.73
N ILE E 15 28.60 -5.43 -4.32
CA ILE E 15 27.19 -5.14 -4.11
C ILE E 15 26.33 -6.29 -4.61
N ARG E 16 26.63 -6.80 -5.81
CA ARG E 16 25.89 -7.94 -6.33
C ARG E 16 26.04 -9.16 -5.43
N ARG E 17 27.26 -9.41 -4.93
CA ARG E 17 27.49 -10.56 -4.07
C ARG E 17 26.71 -10.45 -2.76
N TYR E 18 26.69 -9.26 -2.16
CA TYR E 18 26.00 -9.08 -0.90
C TYR E 18 24.49 -9.00 -1.02
N GLN E 19 23.95 -8.55 -2.16
CA GLN E 19 22.51 -8.39 -2.28
C GLN E 19 21.76 -9.70 -2.42
N LYS E 20 22.44 -10.81 -2.69
CA LYS E 20 21.80 -12.11 -2.66
C LYS E 20 22.15 -12.92 -1.42
N SER E 21 23.14 -12.48 -0.65
CA SER E 21 23.53 -13.14 0.58
C SER E 21 22.53 -12.86 1.68
N THR E 22 22.48 -13.76 2.66
CA THR E 22 21.59 -13.62 3.80
C THR E 22 22.31 -13.72 5.13
N GLU E 23 23.59 -14.08 5.14
CA GLU E 23 24.34 -14.17 6.38
C GLU E 23 24.52 -12.79 7.00
N LEU E 24 24.75 -12.78 8.31
CA LEU E 24 24.88 -11.55 9.05
C LEU E 24 26.25 -10.94 8.79
N LEU E 25 26.27 -9.65 8.46
CA LEU E 25 27.50 -8.97 8.07
C LEU E 25 28.30 -8.46 9.26
N ILE E 26 27.77 -8.54 10.47
CA ILE E 26 28.48 -8.11 11.66
C ILE E 26 29.02 -9.34 12.37
N ARG E 27 30.28 -9.26 12.81
CA ARG E 27 30.85 -10.37 13.57
C ARG E 27 30.11 -10.54 14.90
N LYS E 28 29.96 -11.80 15.31
CA LYS E 28 29.11 -12.12 16.44
C LYS E 28 29.68 -11.61 17.76
N LEU E 29 30.96 -11.88 18.02
CA LEU E 29 31.57 -11.58 19.31
C LEU E 29 31.64 -10.09 19.62
N PRO E 30 32.14 -9.23 18.73
CA PRO E 30 32.15 -7.79 19.04
C PRO E 30 30.76 -7.21 19.23
N PHE E 31 29.77 -7.68 18.47
CA PHE E 31 28.39 -7.23 18.67
C PHE E 31 27.82 -7.70 20.00
N GLN E 32 28.12 -8.94 20.41
CA GLN E 32 27.67 -9.39 21.72
C GLN E 32 28.32 -8.58 22.83
N ARG E 33 29.61 -8.30 22.69
CA ARG E 33 30.28 -7.43 23.65
C ARG E 33 29.69 -6.03 23.64
N LEU E 34 29.28 -5.53 22.49
CA LEU E 34 28.63 -4.22 22.43
C LEU E 34 27.30 -4.22 23.17
N VAL E 35 26.44 -5.20 22.90
CA VAL E 35 25.11 -5.20 23.51
C VAL E 35 25.23 -5.44 25.02
N ARG E 36 26.17 -6.29 25.44
CA ARG E 36 26.34 -6.55 26.86
C ARG E 36 26.78 -5.32 27.63
N GLU E 37 27.45 -4.36 26.99
CA GLU E 37 27.82 -3.12 27.64
C GLU E 37 26.79 -2.01 27.45
N ILE E 38 26.01 -2.05 26.38
CA ILE E 38 24.89 -1.12 26.26
C ILE E 38 23.82 -1.45 27.29
N ALA E 39 23.61 -2.72 27.58
CA ALA E 39 22.56 -3.13 28.51
C ALA E 39 22.97 -3.06 29.97
N GLN E 40 24.25 -2.88 30.26
CA GLN E 40 24.72 -2.89 31.64
C GLN E 40 24.50 -1.56 32.35
N ASP E 41 24.22 -0.49 31.63
CA ASP E 41 24.01 0.81 32.24
C ASP E 41 22.60 0.97 32.81
N PHE E 42 21.67 0.09 32.43
CA PHE E 42 20.33 0.09 32.99
C PHE E 42 20.21 -0.79 34.22
N LYS E 43 20.70 -2.03 34.14
CA LYS E 43 20.70 -2.95 35.26
C LYS E 43 22.02 -3.71 35.23
N THR E 44 22.49 -4.10 36.41
CA THR E 44 23.75 -4.83 36.51
C THR E 44 23.57 -6.27 36.06
N ASP E 45 24.70 -6.88 35.67
CA ASP E 45 24.90 -8.31 35.40
C ASP E 45 23.69 -9.02 34.80
N LEU E 46 23.24 -8.54 33.64
CA LEU E 46 22.17 -9.22 32.91
C LEU E 46 22.69 -10.51 32.28
N ARG E 47 21.74 -11.36 31.89
CA ARG E 47 22.02 -12.53 31.07
C ARG E 47 21.25 -12.43 29.77
N PHE E 48 21.83 -12.99 28.72
CA PHE E 48 21.24 -12.91 27.39
C PHE E 48 21.19 -14.30 26.76
N GLN E 49 20.12 -14.55 26.01
CA GLN E 49 20.05 -15.79 25.24
C GLN E 49 20.64 -15.59 23.84
N SER E 50 21.14 -16.69 23.29
CA SER E 50 21.67 -16.65 21.93
C SER E 50 20.63 -16.18 20.94
N SER E 51 19.40 -16.68 21.05
CA SER E 51 18.30 -16.21 20.22
C SER E 51 18.07 -14.71 20.34
N ALA E 52 18.12 -14.17 21.55
CA ALA E 52 17.98 -12.74 21.75
C ALA E 52 19.09 -11.94 21.07
N VAL E 53 20.35 -12.37 21.22
CA VAL E 53 21.42 -11.60 20.60
C VAL E 53 21.35 -11.69 19.08
N MET E 54 20.96 -12.86 18.54
CA MET E 54 20.75 -12.95 17.10
C MET E 54 19.61 -12.05 16.64
N ALA E 55 18.54 -11.95 17.41
CA ALA E 55 17.45 -11.04 17.06
C ALA E 55 17.92 -9.59 17.06
N LEU E 56 18.70 -9.18 18.06
CA LEU E 56 19.27 -7.84 18.03
C LEU E 56 20.12 -7.61 16.79
N GLN E 57 21.00 -8.56 16.46
CA GLN E 57 21.85 -8.39 15.30
C GLN E 57 21.05 -8.29 14.00
N GLU E 58 20.06 -9.16 13.82
CA GLU E 58 19.22 -9.10 12.63
C GLU E 58 18.46 -7.78 12.54
N ALA E 59 17.83 -7.34 13.63
CA ALA E 59 17.08 -6.10 13.61
C ALA E 59 17.97 -4.89 13.32
N SER E 60 19.13 -4.80 13.98
CA SER E 60 19.98 -3.65 13.74
C SER E 60 20.55 -3.65 12.34
N GLU E 61 20.92 -4.81 11.80
CA GLU E 61 21.40 -4.83 10.42
C GLU E 61 20.31 -4.47 9.43
N ALA E 62 19.07 -4.91 9.65
CA ALA E 62 17.98 -4.49 8.79
C ALA E 62 17.77 -2.99 8.85
N TYR E 63 17.80 -2.42 10.06
CA TYR E 63 17.64 -0.97 10.19
C TYR E 63 18.77 -0.23 9.47
N LEU E 64 20.01 -0.71 9.62
CA LEU E 64 21.13 -0.07 8.96
C LEU E 64 21.06 -0.17 7.44
N VAL E 65 20.66 -1.32 6.90
CA VAL E 65 20.59 -1.42 5.44
C VAL E 65 19.47 -0.54 4.90
N GLY E 66 18.34 -0.46 5.61
CA GLY E 66 17.32 0.49 5.21
C GLY E 66 17.79 1.93 5.23
N LEU E 67 18.48 2.33 6.32
CA LEU E 67 18.99 3.68 6.40
C LEU E 67 19.98 3.97 5.28
N PHE E 68 20.83 2.98 4.95
CA PHE E 68 21.78 3.15 3.87
C PHE E 68 21.11 3.29 2.52
N GLU E 69 20.06 2.52 2.23
CA GLU E 69 19.41 2.69 0.93
C GLU E 69 18.71 4.04 0.85
N ASP E 70 18.09 4.50 1.96
CA ASP E 70 17.50 5.84 1.94
C ASP E 70 18.55 6.92 1.74
N THR E 71 19.67 6.84 2.46
CA THR E 71 20.70 7.87 2.30
C THR E 71 21.39 7.78 0.95
N ASN E 72 21.40 6.61 0.30
CA ASN E 72 21.88 6.53 -1.06
C ASN E 72 20.92 7.20 -2.03
N LEU E 73 19.62 6.99 -1.85
CA LEU E 73 18.63 7.78 -2.58
C LEU E 73 18.88 9.26 -2.44
N SER E 74 19.15 9.72 -1.21
CA SER E 74 19.51 11.12 -1.00
C SER E 74 20.78 11.50 -1.77
N ALA E 75 21.76 10.60 -1.82
CA ALA E 75 23.01 10.91 -2.52
C ALA E 75 22.79 11.09 -4.01
N ILE E 76 22.03 10.21 -4.65
CA ILE E 76 21.70 10.44 -6.06
C ILE E 76 20.90 11.73 -6.22
N HIS E 77 19.94 11.99 -5.33
CA HIS E 77 19.17 13.22 -5.45
C HIS E 77 20.05 14.46 -5.38
N ALA E 78 21.13 14.40 -4.59
CA ALA E 78 22.05 15.52 -4.46
C ALA E 78 23.07 15.57 -5.59
N LYS E 79 22.83 14.86 -6.69
CA LYS E 79 23.72 14.83 -7.85
C LYS E 79 25.11 14.30 -7.51
N ARG E 80 25.21 13.42 -6.53
CA ARG E 80 26.46 12.80 -6.13
C ARG E 80 26.32 11.29 -6.15
N VAL E 81 27.43 10.60 -5.87
CA VAL E 81 27.44 9.16 -5.76
C VAL E 81 28.14 8.78 -4.47
N THR E 82 28.69 9.77 -3.77
CA THR E 82 29.41 9.55 -2.53
C THR E 82 28.52 9.90 -1.34
N ILE E 83 28.47 9.00 -0.37
CA ILE E 83 27.71 9.24 0.85
C ILE E 83 28.48 10.19 1.76
N MET E 84 27.76 11.18 2.29
CA MET E 84 28.32 12.11 3.26
C MET E 84 27.30 12.25 4.39
N PRO E 85 27.75 12.59 5.60
CA PRO E 85 26.83 12.61 6.75
C PRO E 85 25.66 13.56 6.60
N LYS E 86 25.73 14.54 5.70
CA LYS E 86 24.56 15.37 5.44
C LYS E 86 23.39 14.53 4.95
N ASP E 87 23.65 13.56 4.07
CA ASP E 87 22.59 12.69 3.60
C ASP E 87 22.04 11.81 4.71
N ILE E 88 22.91 11.31 5.59
CA ILE E 88 22.46 10.53 6.74
C ILE E 88 21.51 11.36 7.59
N GLN E 89 21.92 12.58 7.93
CA GLN E 89 21.09 13.45 8.75
C GLN E 89 19.78 13.82 8.05
N LEU E 90 19.83 14.09 6.74
CA LEU E 90 18.61 14.40 6.01
C LEU E 90 17.62 13.24 6.04
N ALA E 91 18.10 12.02 5.79
CA ALA E 91 17.22 10.86 5.85
C ALA E 91 16.66 10.66 7.26
N ARG E 92 17.52 10.79 8.28
CA ARG E 92 17.04 10.65 9.65
C ARG E 92 15.95 11.66 9.98
N ARG E 93 16.11 12.90 9.54
CA ARG E 93 15.13 13.92 9.89
C ARG E 93 13.84 13.78 9.08
N ILE E 94 13.96 13.39 7.80
CA ILE E 94 12.75 13.21 7.00
C ILE E 94 11.94 12.03 7.51
N ARG E 95 12.59 10.92 7.88
CA ARG E 95 11.85 9.79 8.41
C ARG E 95 11.31 10.03 9.81
N GLY E 96 11.52 11.21 10.37
CA GLY E 96 10.94 11.55 11.65
C GLY E 96 11.61 10.95 12.86
N GLU E 97 12.86 10.52 12.73
CA GLU E 97 13.61 10.01 13.86
C GLU E 97 14.36 11.10 14.61
N ARG E 98 14.36 12.33 14.11
CA ARG E 98 15.03 13.44 14.79
C ARG E 98 14.28 14.75 14.57
N ARG F 2 35.25 -0.46 28.11
CA ARG F 2 34.35 -0.12 27.00
C ARG F 2 35.03 -0.37 25.67
N ASP F 3 35.00 0.64 24.79
CA ASP F 3 35.63 0.65 23.48
C ASP F 3 34.95 -0.39 22.59
N ASN F 4 33.86 -0.99 23.05
CA ASN F 4 33.15 -2.00 22.27
C ASN F 4 32.37 -1.41 21.10
N ILE F 5 32.17 -0.09 21.08
CA ILE F 5 31.57 0.54 19.91
C ILE F 5 32.48 0.44 18.71
N GLN F 6 33.80 0.40 18.92
CA GLN F 6 34.74 0.20 17.83
C GLN F 6 34.71 -1.22 17.30
N GLY F 7 34.03 -2.14 17.99
CA GLY F 7 33.95 -3.53 17.54
C GLY F 7 33.32 -3.69 16.18
N ILE F 8 32.49 -2.74 15.75
CA ILE F 8 31.93 -2.76 14.40
C ILE F 8 32.99 -2.13 13.49
N THR F 9 33.79 -2.96 12.85
CA THR F 9 34.94 -2.51 12.10
C THR F 9 34.51 -1.83 10.80
N LYS F 10 35.41 -1.01 10.26
CA LYS F 10 35.13 -0.29 9.03
C LYS F 10 34.67 -1.18 7.88
N PRO F 11 35.30 -2.33 7.59
CA PRO F 11 34.76 -3.19 6.52
C PRO F 11 33.33 -3.65 6.79
N ALA F 12 32.92 -3.79 8.05
CA ALA F 12 31.53 -4.14 8.32
C ALA F 12 30.57 -3.05 7.85
N ILE F 13 30.88 -1.78 8.14
CA ILE F 13 30.04 -0.70 7.62
C ILE F 13 30.09 -0.68 6.10
N ARG F 14 31.27 -0.90 5.52
CA ARG F 14 31.38 -0.90 4.07
C ARG F 14 30.50 -1.97 3.43
N ARG F 15 30.50 -3.18 3.97
CA ARG F 15 29.69 -4.24 3.41
C ARG F 15 28.20 -4.08 3.70
N LEU F 16 27.83 -3.50 4.85
CA LEU F 16 26.44 -3.11 5.04
C LEU F 16 25.99 -2.12 3.99
N ALA F 17 26.81 -1.11 3.71
CA ALA F 17 26.48 -0.15 2.66
C ALA F 17 26.38 -0.82 1.30
N ARG F 18 27.28 -1.77 1.02
CA ARG F 18 27.22 -2.48 -0.25
C ARG F 18 25.93 -3.29 -0.38
N ARG F 19 25.51 -3.96 0.69
CA ARG F 19 24.18 -4.58 0.67
C ARG F 19 23.08 -3.54 0.51
N GLY F 20 23.31 -2.33 0.99
CA GLY F 20 22.34 -1.26 0.80
C GLY F 20 22.35 -0.64 -0.58
N GLY F 21 23.27 -1.04 -1.44
CA GLY F 21 23.37 -0.48 -2.77
C GLY F 21 24.26 0.73 -2.90
N VAL F 22 25.15 0.98 -1.95
CA VAL F 22 25.98 2.18 -1.95
C VAL F 22 27.21 1.94 -2.82
N LYS F 23 27.58 2.93 -3.62
CA LYS F 23 28.74 2.84 -4.49
C LYS F 23 30.05 3.11 -3.76
N ARG F 24 30.13 4.23 -3.05
CA ARG F 24 31.37 4.59 -2.36
C ARG F 24 31.06 5.29 -1.05
N ILE F 25 32.04 5.27 -0.14
CA ILE F 25 31.88 5.79 1.21
C ILE F 25 32.97 6.83 1.46
N SER F 26 32.57 7.98 2.00
CA SER F 26 33.53 8.98 2.45
C SER F 26 34.04 8.63 3.84
N GLY F 27 35.17 9.23 4.21
CA GLY F 27 35.77 8.96 5.50
C GLY F 27 34.97 9.45 6.69
N LEU F 28 33.97 10.31 6.47
CA LEU F 28 33.16 10.87 7.54
C LEU F 28 31.81 10.17 7.67
N ILE F 29 31.78 8.86 7.49
CA ILE F 29 30.55 8.09 7.61
C ILE F 29 30.59 7.07 8.73
N TYR F 30 31.76 6.51 9.05
CA TYR F 30 31.85 5.40 9.97
C TYR F 30 31.55 5.81 11.41
N GLU F 31 32.00 6.98 11.84
CA GLU F 31 31.75 7.44 13.19
C GLU F 31 30.31 7.90 13.40
N GLU F 32 29.57 8.13 12.32
CA GLU F 32 28.15 8.48 12.42
C GLU F 32 27.26 7.24 12.34
N THR F 33 27.63 6.27 11.50
CA THR F 33 26.86 5.03 11.45
C THR F 33 26.88 4.29 12.78
N ARG F 34 28.04 4.23 13.45
CA ARG F 34 28.09 3.58 14.75
C ARG F 34 27.37 4.38 15.82
N GLY F 35 27.32 5.70 15.72
CA GLY F 35 26.49 6.47 16.63
C GLY F 35 25.01 6.21 16.44
N VAL F 36 24.55 6.17 15.19
CA VAL F 36 23.15 5.81 14.93
C VAL F 36 22.87 4.41 15.44
N LEU F 37 23.80 3.48 15.21
CA LEU F 37 23.64 2.11 15.70
C LEU F 37 23.46 2.07 17.21
N LYS F 38 24.36 2.72 17.96
CA LYS F 38 24.22 2.68 19.40
C LYS F 38 22.97 3.38 19.88
N VAL F 39 22.58 4.49 19.25
CA VAL F 39 21.32 5.13 19.62
C VAL F 39 20.16 4.16 19.47
N PHE F 40 20.10 3.45 18.34
CA PHE F 40 19.09 2.42 18.15
C PHE F 40 19.19 1.34 19.23
N LEU F 41 20.41 0.98 19.61
CA LEU F 41 20.59 -0.08 20.60
C LEU F 41 20.05 0.30 21.97
N GLU F 42 20.33 1.51 22.47
CA GLU F 42 19.67 1.86 23.74
C GLU F 42 18.21 2.23 23.55
N ASN F 43 17.76 2.52 22.34
CA ASN F 43 16.32 2.64 22.14
C ASN F 43 15.60 1.30 22.28
N VAL F 44 16.25 0.20 21.89
CA VAL F 44 15.59 -1.09 21.94
C VAL F 44 15.85 -1.81 23.26
N ILE F 45 17.10 -1.79 23.72
CA ILE F 45 17.48 -2.52 24.94
C ILE F 45 16.78 -1.94 26.16
N ARG F 46 16.57 -0.62 26.19
CA ARG F 46 15.87 -0.03 27.32
C ARG F 46 14.46 -0.58 27.47
N ASP F 47 13.79 -0.90 26.35
CA ASP F 47 12.50 -1.56 26.41
C ASP F 47 12.62 -3.05 26.72
N ALA F 48 13.64 -3.71 26.17
CA ALA F 48 13.80 -5.13 26.44
C ALA F 48 14.03 -5.40 27.93
N VAL F 49 14.96 -4.64 28.53
CA VAL F 49 15.27 -4.83 29.95
C VAL F 49 14.12 -4.45 30.87
N THR F 50 13.33 -3.42 30.52
CA THR F 50 12.17 -3.09 31.32
C THR F 50 11.03 -4.07 31.13
N TYR F 51 11.00 -4.80 30.03
CA TYR F 51 10.14 -5.98 29.96
C TYR F 51 10.64 -7.09 30.89
N THR F 52 11.94 -7.40 30.83
CA THR F 52 12.48 -8.49 31.63
C THR F 52 12.33 -8.25 33.12
N GLU F 53 12.63 -7.04 33.60
CA GLU F 53 12.50 -6.76 35.03
C GLU F 53 11.05 -6.82 35.47
N HIS F 54 10.12 -6.40 34.61
CA HIS F 54 8.71 -6.55 34.93
C HIS F 54 8.30 -8.02 34.96
N ALA F 55 8.99 -8.86 34.21
CA ALA F 55 8.72 -10.29 34.24
C ALA F 55 9.35 -11.00 35.44
N LYS F 56 9.98 -10.26 36.36
CA LYS F 56 10.74 -10.85 37.46
C LYS F 56 11.80 -11.84 36.96
N ARG F 57 12.39 -11.54 35.80
CA ARG F 57 13.45 -12.37 35.26
C ARG F 57 14.78 -11.65 35.34
N LYS F 58 15.86 -12.43 35.38
CA LYS F 58 17.21 -11.89 35.40
C LYS F 58 17.92 -12.02 34.06
N THR F 59 17.33 -12.73 33.11
CA THR F 59 17.88 -12.85 31.76
C THR F 59 16.97 -12.14 30.76
N VAL F 60 17.52 -11.88 29.59
CA VAL F 60 16.81 -11.21 28.51
C VAL F 60 16.37 -12.27 27.50
N THR F 61 15.06 -12.44 27.36
CA THR F 61 14.53 -13.44 26.45
C THR F 61 14.33 -12.85 25.06
N ALA F 62 14.35 -13.73 24.05
CA ALA F 62 14.11 -13.30 22.68
C ALA F 62 12.68 -12.79 22.51
N MET F 63 11.72 -13.35 23.27
CA MET F 63 10.35 -12.86 23.21
C MET F 63 10.24 -11.41 23.67
N ASP F 64 10.96 -11.04 24.73
CA ASP F 64 10.95 -9.66 25.17
C ASP F 64 11.54 -8.73 24.12
N VAL F 65 12.60 -9.16 23.44
CA VAL F 65 13.17 -8.37 22.37
C VAL F 65 12.17 -8.21 21.23
N VAL F 66 11.47 -9.29 20.87
CA VAL F 66 10.47 -9.21 19.82
C VAL F 66 9.38 -8.22 20.21
N TYR F 67 8.94 -8.26 21.46
CA TYR F 67 7.94 -7.30 21.91
C TYR F 67 8.47 -5.86 21.85
N ALA F 68 9.72 -5.66 22.24
CA ALA F 68 10.32 -4.33 22.18
C ALA F 68 10.38 -3.79 20.76
N LEU F 69 10.74 -4.64 19.80
CA LEU F 69 10.69 -4.22 18.40
C LEU F 69 9.26 -3.99 17.93
N LYS F 70 8.30 -4.74 18.48
CA LYS F 70 6.92 -4.59 18.03
C LYS F 70 6.36 -3.21 18.35
N ARG F 71 6.66 -2.67 19.54
CA ARG F 71 6.14 -1.36 19.89
C ARG F 71 6.76 -0.22 19.11
N GLN F 72 7.97 -0.41 18.58
CA GLN F 72 8.65 0.63 17.81
C GLN F 72 8.42 0.52 16.32
N GLY F 73 7.38 -0.20 15.90
CA GLY F 73 7.09 -0.34 14.49
C GLY F 73 8.15 -1.09 13.71
N ARG F 74 8.82 -2.05 14.34
CA ARG F 74 9.89 -2.81 13.70
C ARG F 74 9.71 -4.29 13.98
N THR F 75 8.49 -4.79 13.77
CA THR F 75 8.17 -6.16 14.11
C THR F 75 9.09 -7.14 13.38
N LEU F 76 9.47 -8.19 14.10
CA LEU F 76 10.43 -9.17 13.62
C LEU F 76 9.76 -10.53 13.49
N TYR F 77 10.09 -11.27 12.44
CA TYR F 77 9.53 -12.58 12.19
C TYR F 77 10.62 -13.63 12.28
N GLY F 78 10.35 -14.71 13.01
CA GLY F 78 11.27 -15.81 13.08
C GLY F 78 11.78 -16.11 14.48
N PHE F 79 11.12 -15.54 15.49
CA PHE F 79 11.51 -15.75 16.87
C PHE F 79 10.31 -15.96 17.79
N GLY F 80 9.15 -16.30 17.22
CA GLY F 80 7.95 -16.52 18.01
C GLY F 80 7.12 -15.27 18.22
N ALA G 1 -26.77 5.88 56.94
CA ALA G 1 -26.58 5.32 58.27
C ALA G 1 -25.35 4.41 58.30
N ARG G 2 -24.68 4.28 57.16
CA ARG G 2 -23.49 3.44 57.06
C ARG G 2 -22.24 4.27 57.36
N ALA G 3 -22.02 5.30 56.55
CA ALA G 3 -20.89 6.22 56.67
C ALA G 3 -21.07 7.28 55.59
N LYS G 4 -20.38 8.41 55.77
CA LYS G 4 -20.39 9.45 54.76
C LYS G 4 -19.68 8.98 53.51
N ALA G 5 -20.33 9.17 52.36
CA ALA G 5 -19.78 8.70 51.10
C ALA G 5 -18.53 9.50 50.74
N LYS G 6 -17.39 8.82 50.74
CA LYS G 6 -16.11 9.44 50.40
C LYS G 6 -15.65 8.92 49.04
N THR G 7 -15.37 9.84 48.12
CA THR G 7 -14.90 9.46 46.80
C THR G 7 -13.47 8.93 46.88
N ARG G 8 -13.19 7.93 46.06
CA ARG G 8 -11.84 7.38 46.01
C ARG G 8 -10.83 8.39 45.51
N SER G 9 -11.26 9.38 44.73
CA SER G 9 -10.40 10.50 44.38
C SER G 9 -9.99 11.31 45.60
N SER G 10 -10.94 11.61 46.49
CA SER G 10 -10.61 12.25 47.76
C SER G 10 -9.78 11.36 48.66
N ARG G 11 -9.95 10.04 48.57
CA ARG G 11 -9.10 9.13 49.33
C ARG G 11 -7.63 9.26 48.91
N ALA G 12 -7.38 9.37 47.60
CA ALA G 12 -6.02 9.47 47.09
C ALA G 12 -5.56 10.90 46.89
N GLY G 13 -6.37 11.89 47.27
CA GLY G 13 -5.97 13.28 47.17
C GLY G 13 -5.76 13.73 45.74
N LEU G 14 -6.68 13.34 44.86
CA LEU G 14 -6.61 13.69 43.44
C LEU G 14 -7.94 14.28 43.01
N GLN G 15 -7.89 15.09 41.95
CA GLN G 15 -9.08 15.66 41.33
C GLN G 15 -9.65 14.80 40.23
N PHE G 16 -8.82 14.01 39.55
CA PHE G 16 -9.31 13.11 38.52
C PHE G 16 -10.16 12.00 39.14
N PRO G 17 -11.22 11.57 38.46
CA PRO G 17 -12.08 10.53 39.01
C PRO G 17 -11.39 9.18 39.03
N VAL G 18 -11.53 8.48 40.15
CA VAL G 18 -10.94 7.15 40.27
C VAL G 18 -11.96 6.06 39.94
N GLY G 19 -13.18 6.18 40.47
CA GLY G 19 -14.21 5.21 40.13
C GLY G 19 -14.57 5.22 38.67
N ARG G 20 -14.55 6.39 38.03
CA ARG G 20 -14.83 6.48 36.60
C ARG G 20 -13.76 5.77 35.79
N VAL G 21 -12.49 5.95 36.16
CA VAL G 21 -11.41 5.23 35.49
C VAL G 21 -11.55 3.73 35.72
N HIS G 22 -11.92 3.33 36.94
CA HIS G 22 -12.13 1.91 37.21
C HIS G 22 -13.24 1.34 36.33
N ARG G 23 -14.35 2.07 36.18
CA ARG G 23 -15.42 1.62 35.31
C ARG G 23 -14.96 1.52 33.86
N LEU G 24 -14.23 2.53 33.37
CA LEU G 24 -13.74 2.49 32.01
C LEU G 24 -12.81 1.30 31.79
N LEU G 25 -11.93 1.02 32.75
CA LEU G 25 -11.04 -0.12 32.61
C LEU G 25 -11.80 -1.43 32.61
N ARG G 26 -12.79 -1.58 33.51
CA ARG G 26 -13.52 -2.83 33.59
C ARG G 26 -14.45 -3.06 32.41
N LYS G 27 -14.98 -2.01 31.79
CA LYS G 27 -15.75 -2.15 30.55
C LYS G 27 -14.90 -1.90 29.31
N GLY G 28 -13.60 -1.70 29.47
CA GLY G 28 -12.71 -1.47 28.35
C GLY G 28 -12.16 -2.72 27.70
N ASN G 29 -12.53 -3.90 28.19
CA ASN G 29 -12.09 -5.18 27.64
C ASN G 29 -10.57 -5.27 27.57
N TYR G 30 -9.94 -5.08 28.74
CA TYR G 30 -8.51 -5.26 28.89
C TYR G 30 -8.15 -6.48 29.73
N SER G 31 -8.93 -6.76 30.77
CA SER G 31 -8.80 -8.00 31.52
C SER G 31 -10.13 -8.23 32.24
N GLU G 32 -10.36 -9.50 32.60
CA GLU G 32 -11.60 -9.82 33.30
C GLU G 32 -11.59 -9.31 34.73
N ARG G 33 -10.43 -8.94 35.26
CA ARG G 33 -10.36 -8.33 36.57
C ARG G 33 -9.31 -7.23 36.54
N VAL G 34 -9.51 -6.24 37.41
CA VAL G 34 -8.65 -5.06 37.51
C VAL G 34 -8.24 -4.89 38.96
N GLY G 35 -6.94 -4.66 39.18
CA GLY G 35 -6.46 -4.42 40.53
C GLY G 35 -6.96 -3.10 41.09
N ALA G 36 -6.96 -3.01 42.42
CA ALA G 36 -7.49 -1.84 43.09
C ALA G 36 -6.63 -0.60 42.88
N GLY G 37 -5.30 -0.75 42.92
CA GLY G 37 -4.41 0.39 42.80
C GLY G 37 -4.15 0.88 41.40
N ALA G 38 -4.51 0.09 40.38
CA ALA G 38 -4.26 0.46 39.00
C ALA G 38 -5.00 1.74 38.60
N PRO G 39 -6.32 1.86 38.84
CA PRO G 39 -6.99 3.13 38.52
C PRO G 39 -6.45 4.30 39.30
N VAL G 40 -6.07 4.10 40.56
CA VAL G 40 -5.50 5.19 41.35
C VAL G 40 -4.20 5.67 40.74
N TYR G 41 -3.32 4.75 40.37
CA TYR G 41 -2.05 5.13 39.77
C TYR G 41 -2.25 5.82 38.43
N LEU G 42 -3.15 5.28 37.61
CA LEU G 42 -3.44 5.85 36.30
C LEU G 42 -4.02 7.25 36.39
N ALA G 43 -4.94 7.49 37.33
CA ALA G 43 -5.49 8.81 37.50
C ALA G 43 -4.42 9.82 37.89
N ALA G 44 -3.50 9.44 38.78
CA ALA G 44 -2.39 10.33 39.12
C ALA G 44 -1.51 10.62 37.92
N VAL G 45 -1.22 9.61 37.10
CA VAL G 45 -0.39 9.85 35.92
C VAL G 45 -1.09 10.82 34.97
N LEU G 46 -2.38 10.59 34.71
CA LEU G 46 -3.13 11.48 33.83
C LEU G 46 -3.19 12.90 34.38
N GLU G 47 -3.40 13.04 35.70
CA GLU G 47 -3.45 14.35 36.32
C GLU G 47 -2.12 15.07 36.16
N TYR G 48 -1.00 14.37 36.38
CA TYR G 48 0.31 15.02 36.21
C TYR G 48 0.52 15.47 34.77
N LEU G 49 0.19 14.60 33.81
CA LEU G 49 0.38 14.96 32.41
C LEU G 49 -0.46 16.18 32.03
N THR G 50 -1.74 16.17 32.37
CA THR G 50 -2.59 17.31 32.02
C THR G 50 -2.18 18.57 32.77
N ALA G 51 -1.67 18.44 34.00
CA ALA G 51 -1.16 19.60 34.71
C ALA G 51 0.03 20.21 34.00
N GLU G 52 0.96 19.38 33.53
CA GLU G 52 2.08 19.91 32.75
C GLU G 52 1.61 20.60 31.50
N ILE G 53 0.69 19.97 30.77
CA ILE G 53 0.19 20.57 29.53
C ILE G 53 -0.46 21.92 29.80
N LEU G 54 -1.32 21.96 30.83
CA LEU G 54 -2.03 23.19 31.16
C LEU G 54 -1.09 24.29 31.64
N GLU G 55 -0.07 23.97 32.44
CA GLU G 55 0.83 25.02 32.90
C GLU G 55 1.67 25.57 31.75
N LEU G 56 2.13 24.70 30.85
CA LEU G 56 2.82 25.20 29.66
C LEU G 56 1.90 26.07 28.81
N ALA G 57 0.65 25.64 28.61
CA ALA G 57 -0.29 26.43 27.83
C ALA G 57 -0.57 27.77 28.48
N GLY G 58 -0.71 27.81 29.80
CA GLY G 58 -0.94 29.07 30.50
C GLY G 58 0.26 30.00 30.41
N ASN G 59 1.47 29.47 30.52
CA ASN G 59 2.65 30.31 30.34
C ASN G 59 2.70 30.89 28.93
N ALA G 60 2.43 30.06 27.92
CA ALA G 60 2.41 30.56 26.55
C ALA G 60 1.32 31.60 26.34
N ALA G 61 0.13 31.40 26.91
CA ALA G 61 -0.96 32.35 26.77
C ALA G 61 -0.65 33.67 27.44
N ARG G 62 -0.13 33.66 28.65
CA ARG G 62 0.25 34.91 29.30
C ARG G 62 1.41 35.58 28.60
N ASP G 63 2.25 34.82 27.90
CA ASP G 63 3.25 35.44 27.03
C ASP G 63 2.58 36.21 25.91
N ASN G 64 1.47 35.70 25.36
CA ASN G 64 0.76 36.34 24.26
C ASN G 64 -0.27 37.33 24.74
N LYS G 65 -0.23 37.73 26.01
CA LYS G 65 -1.11 38.77 26.57
C LYS G 65 -2.58 38.40 26.42
N LYS G 66 -2.92 37.15 26.71
CA LYS G 66 -4.29 36.69 26.71
C LYS G 66 -4.55 35.83 27.95
N THR G 67 -5.81 35.80 28.36
CA THR G 67 -6.22 35.09 29.56
C THR G 67 -6.89 33.75 29.28
N ARG G 68 -7.25 33.48 28.03
CA ARG G 68 -7.91 32.24 27.65
C ARG G 68 -6.95 31.40 26.83
N ILE G 69 -6.90 30.10 27.13
CA ILE G 69 -6.02 29.19 26.42
C ILE G 69 -6.73 28.70 25.16
N ILE G 70 -6.09 28.91 24.01
CA ILE G 70 -6.66 28.51 22.72
C ILE G 70 -5.76 27.41 22.14
N PRO G 71 -6.19 26.69 21.11
CA PRO G 71 -5.34 25.62 20.54
C PRO G 71 -3.99 26.10 20.05
N ARG G 72 -3.85 27.38 19.67
CA ARG G 72 -2.55 27.88 19.27
C ARG G 72 -1.53 27.77 20.40
N HIS G 73 -1.94 28.15 21.62
CA HIS G 73 -1.05 28.03 22.76
C HIS G 73 -0.69 26.58 23.05
N LEU G 74 -1.66 25.66 22.93
CA LEU G 74 -1.36 24.25 23.14
C LEU G 74 -0.35 23.74 22.11
N GLN G 75 -0.55 24.06 20.84
CA GLN G 75 0.39 23.63 19.81
C GLN G 75 1.77 24.22 20.06
N LEU G 76 1.84 25.51 20.41
CA LEU G 76 3.12 26.13 20.71
C LEU G 76 3.82 25.44 21.86
N ALA G 77 3.10 25.15 22.94
CA ALA G 77 3.72 24.51 24.10
C ALA G 77 4.23 23.11 23.75
N ILE G 78 3.40 22.32 23.04
CA ILE G 78 3.82 20.96 22.71
C ILE G 78 5.03 20.96 21.79
N ARG G 79 5.04 21.81 20.77
CA ARG G 79 6.17 21.80 19.86
C ARG G 79 7.37 22.57 20.39
N ASN G 80 7.21 23.33 21.47
CA ASN G 80 8.36 23.97 22.10
C ASN G 80 9.03 23.08 23.12
N ASP G 81 8.27 22.36 23.94
CA ASP G 81 8.87 21.38 24.84
C ASP G 81 9.14 20.09 24.08
N GLU G 82 10.42 19.77 23.91
CA GLU G 82 10.82 18.63 23.08
C GLU G 82 10.32 17.30 23.63
N GLU G 83 10.24 17.15 24.95
CA GLU G 83 9.74 15.91 25.55
C GLU G 83 8.30 15.63 25.15
N LEU G 84 7.42 16.61 25.30
CA LEU G 84 6.06 16.44 24.80
C LEU G 84 6.00 16.39 23.28
N ASN G 85 6.95 17.03 22.60
CA ASN G 85 7.02 16.90 21.14
C ASN G 85 7.30 15.46 20.74
N LYS G 86 8.23 14.78 21.43
CA LYS G 86 8.47 13.36 21.19
C LYS G 86 7.28 12.50 21.59
N LEU G 87 6.62 12.84 22.69
CA LEU G 87 5.45 12.06 23.11
C LEU G 87 4.31 12.18 22.11
N LEU G 88 4.09 13.35 21.54
CA LEU G 88 2.95 13.63 20.68
C LEU G 88 3.39 14.07 19.29
N GLY G 89 4.41 13.40 18.74
CA GLY G 89 4.92 13.78 17.43
C GLY G 89 4.10 13.28 16.27
N ARG G 90 3.07 12.48 16.51
CA ARG G 90 2.26 11.90 15.45
C ARG G 90 0.80 12.34 15.52
N VAL G 91 0.52 13.44 16.22
CA VAL G 91 -0.84 13.95 16.35
C VAL G 91 -0.83 15.42 15.94
N THR G 92 -1.86 15.83 15.20
CA THR G 92 -2.00 17.21 14.76
C THR G 92 -3.12 17.87 15.54
N ILE G 93 -2.94 19.15 15.86
CA ILE G 93 -3.89 19.90 16.68
C ILE G 93 -4.75 20.74 15.75
N ALA G 94 -6.07 20.67 15.92
CA ALA G 94 -6.99 21.47 15.12
C ALA G 94 -6.81 22.95 15.43
N GLN G 95 -6.72 23.76 14.37
CA GLN G 95 -6.35 25.18 14.48
C GLN G 95 -5.11 25.36 15.36
N GLY G 96 -4.12 24.50 15.16
CA GLY G 96 -2.89 24.59 15.92
C GLY G 96 -1.81 25.33 15.17
N GLY G 97 -1.83 25.21 13.83
CA GLY G 97 -0.86 25.91 13.02
C GLY G 97 0.54 25.32 13.16
N VAL G 98 1.52 26.16 12.82
CA VAL G 98 2.93 25.76 12.89
C VAL G 98 3.69 26.87 13.61
N LEU G 99 4.86 26.54 14.14
CA LEU G 99 5.74 27.46 14.85
C LEU G 99 6.62 28.23 13.86
N PRO G 100 6.79 29.53 14.09
CA PRO G 100 7.54 30.34 13.13
C PRO G 100 9.03 30.03 13.12
N ASN G 101 9.50 29.41 12.03
CA ASN G 101 10.92 29.17 11.83
C ASN G 101 11.26 29.35 10.35
N ILE G 102 12.47 29.82 10.09
CA ILE G 102 12.95 30.02 8.73
C ILE G 102 14.38 29.48 8.65
N GLN G 103 14.65 28.70 7.60
CA GLN G 103 16.00 28.19 7.40
C GLN G 103 16.97 29.32 7.12
N ALA G 104 18.17 29.22 7.67
CA ALA G 104 19.17 30.27 7.52
C ALA G 104 19.58 30.51 6.07
N VAL G 105 19.48 29.50 5.20
CA VAL G 105 19.80 29.69 3.80
C VAL G 105 18.81 30.65 3.15
N LEU G 106 17.53 30.54 3.50
CA LEU G 106 16.50 31.39 2.91
C LEU G 106 16.64 32.85 3.32
N LEU G 107 17.17 33.11 4.51
CA LEU G 107 17.32 34.48 4.96
C LEU G 107 18.36 35.21 4.09
N PRO G 108 18.04 36.41 3.60
CA PRO G 108 18.97 37.12 2.73
C PRO G 108 20.20 37.60 3.47
N LYS G 109 21.31 37.72 2.73
CA LYS G 109 22.57 38.18 3.29
C LYS G 109 23.36 38.98 2.28
N ARG H 1 -31.92 13.85 24.58
CA ARG H 1 -31.75 14.12 26.01
C ARG H 1 -30.79 13.13 26.65
N SER H 2 -29.96 12.49 25.82
CA SER H 2 -29.01 11.51 26.32
C SER H 2 -27.91 12.21 27.12
N ARG H 3 -27.27 11.44 27.99
CA ARG H 3 -26.28 11.96 28.93
C ARG H 3 -24.89 11.65 28.39
N LYS H 4 -24.06 12.68 28.29
CA LYS H 4 -22.75 12.55 27.65
C LYS H 4 -21.63 12.74 28.67
N GLU H 5 -20.55 11.99 28.49
CA GLU H 5 -19.41 12.01 29.39
C GLU H 5 -18.24 12.78 28.80
N SER H 6 -17.54 13.52 29.67
CA SER H 6 -16.32 14.22 29.30
C SER H 6 -15.50 14.45 30.57
N TYR H 7 -14.27 14.93 30.38
CA TYR H 7 -13.37 15.24 31.49
C TYR H 7 -13.30 16.74 31.76
N SER H 8 -14.30 17.50 31.30
CA SER H 8 -14.24 18.95 31.36
C SER H 8 -14.13 19.48 32.78
N VAL H 9 -14.90 18.94 33.73
CA VAL H 9 -14.86 19.45 35.10
C VAL H 9 -13.49 19.24 35.71
N TYR H 10 -12.91 18.04 35.54
CA TYR H 10 -11.61 17.76 36.10
C TYR H 10 -10.50 18.57 35.45
N VAL H 11 -10.54 18.74 34.13
CA VAL H 11 -9.56 19.57 33.45
C VAL H 11 -9.66 21.00 33.94
N TYR H 12 -10.88 21.52 34.08
CA TYR H 12 -11.07 22.87 34.59
C TYR H 12 -10.58 23.03 36.02
N LYS H 13 -10.81 22.02 36.87
CA LYS H 13 -10.30 22.06 38.23
C LYS H 13 -8.77 22.09 38.26
N VAL H 14 -8.13 21.26 37.45
CA VAL H 14 -6.66 21.27 37.41
C VAL H 14 -6.15 22.60 36.88
N LEU H 15 -6.82 23.16 35.87
CA LEU H 15 -6.40 24.45 35.34
C LEU H 15 -6.51 25.54 36.40
N LYS H 16 -7.59 25.56 37.16
CA LYS H 16 -7.75 26.54 38.23
C LYS H 16 -6.79 26.31 39.39
N GLN H 17 -6.40 25.06 39.64
CA GLN H 17 -5.41 24.77 40.66
C GLN H 17 -4.00 25.19 40.27
N VAL H 18 -3.65 25.07 38.99
CA VAL H 18 -2.33 25.46 38.50
C VAL H 18 -2.24 26.96 38.27
N HIS H 19 -3.06 27.48 37.36
CA HIS H 19 -3.14 28.92 37.08
C HIS H 19 -4.52 29.40 37.49
N PRO H 20 -4.64 30.02 38.68
CA PRO H 20 -5.97 30.40 39.17
C PRO H 20 -6.67 31.47 38.34
N ASP H 21 -5.93 32.21 37.51
CA ASP H 21 -6.49 33.34 36.77
C ASP H 21 -6.31 33.18 35.26
N THR H 22 -6.55 31.96 34.76
CA THR H 22 -6.41 31.69 33.34
C THR H 22 -7.66 30.99 32.83
N GLY H 23 -8.16 31.43 31.69
CA GLY H 23 -9.34 30.87 31.08
C GLY H 23 -9.03 29.71 30.16
N ILE H 24 -10.09 29.24 29.48
CA ILE H 24 -9.97 28.11 28.57
C ILE H 24 -11.03 28.26 27.49
N SER H 25 -10.71 27.80 26.28
CA SER H 25 -11.67 27.83 25.19
C SER H 25 -12.37 26.47 25.08
N SER H 26 -13.53 26.47 24.43
CA SER H 26 -14.27 25.22 24.22
C SER H 26 -13.49 24.27 23.31
N LYS H 27 -12.91 24.80 22.23
CA LYS H 27 -12.08 23.97 21.36
C LYS H 27 -10.87 23.42 22.10
N ALA H 28 -10.23 24.25 22.92
CA ALA H 28 -9.13 23.77 23.74
C ALA H 28 -9.58 22.71 24.74
N MET H 29 -10.78 22.86 25.31
CA MET H 29 -11.30 21.83 26.21
C MET H 29 -11.54 20.52 25.48
N GLY H 30 -12.10 20.56 24.27
CA GLY H 30 -12.23 19.36 23.47
C GLY H 30 -10.91 18.71 23.12
N ILE H 31 -9.91 19.51 22.77
CA ILE H 31 -8.57 18.97 22.50
C ILE H 31 -8.00 18.31 23.75
N MET H 32 -8.17 18.94 24.92
CA MET H 32 -7.71 18.33 26.16
C MET H 32 -8.42 17.01 26.44
N ASN H 33 -9.73 16.94 26.22
CA ASN H 33 -10.45 15.69 26.41
C ASN H 33 -9.94 14.61 25.46
N SER H 34 -9.72 14.96 24.19
CA SER H 34 -9.19 14.00 23.24
C SER H 34 -7.80 13.52 23.66
N PHE H 35 -6.95 14.43 24.14
CA PHE H 35 -5.62 14.05 24.59
C PHE H 35 -5.67 13.10 25.76
N VAL H 36 -6.48 13.42 26.77
CA VAL H 36 -6.51 12.57 27.96
C VAL H 36 -7.11 11.20 27.60
N ASN H 37 -8.11 11.18 26.71
CA ASN H 37 -8.57 9.89 26.21
C ASN H 37 -7.43 9.11 25.56
N ASP H 38 -6.81 9.68 24.53
CA ASP H 38 -5.77 8.96 23.79
C ASP H 38 -4.72 8.41 24.74
N ILE H 39 -4.31 9.19 25.73
CA ILE H 39 -3.37 8.66 26.72
C ILE H 39 -3.98 7.50 27.48
N PHE H 40 -5.28 7.59 27.82
CA PHE H 40 -5.91 6.50 28.56
C PHE H 40 -5.92 5.20 27.77
N GLU H 41 -6.34 5.25 26.50
CA GLU H 41 -6.26 4.01 25.72
C GLU H 41 -4.84 3.53 25.49
N ARG H 42 -3.87 4.43 25.27
CA ARG H 42 -2.49 3.97 25.16
C ARG H 42 -2.05 3.19 26.39
N ILE H 43 -2.24 3.77 27.57
CA ILE H 43 -1.78 3.12 28.79
C ILE H 43 -2.53 1.82 29.03
N ALA H 44 -3.86 1.83 28.84
CA ALA H 44 -4.64 0.63 29.09
C ALA H 44 -4.27 -0.49 28.12
N GLY H 45 -4.13 -0.18 26.83
CA GLY H 45 -3.70 -1.19 25.88
C GLY H 45 -2.34 -1.75 26.17
N GLU H 46 -1.39 -0.89 26.57
CA GLU H 46 -0.07 -1.43 26.92
C GLU H 46 -0.13 -2.31 28.15
N ALA H 47 -0.90 -1.90 29.16
CA ALA H 47 -1.05 -2.74 30.35
C ALA H 47 -1.69 -4.07 30.01
N SER H 48 -2.62 -4.08 29.05
CA SER H 48 -3.21 -5.35 28.62
C SER H 48 -2.16 -6.28 28.03
N ARG H 49 -1.28 -5.76 27.18
CA ARG H 49 -0.23 -6.61 26.61
C ARG H 49 0.76 -7.06 27.67
N LEU H 50 1.14 -6.20 28.63
CA LEU H 50 1.99 -6.65 29.72
C LEU H 50 1.33 -7.76 30.53
N ALA H 51 0.04 -7.62 30.82
CA ALA H 51 -0.65 -8.67 31.56
C ALA H 51 -0.72 -9.97 30.79
N HIS H 52 -0.97 -9.90 29.48
CA HIS H 52 -1.11 -11.11 28.69
C HIS H 52 0.22 -11.80 28.42
N TYR H 53 1.31 -11.03 28.26
CA TYR H 53 2.60 -11.62 27.95
C TYR H 53 3.09 -12.50 29.09
N ASN H 54 2.93 -12.04 30.32
CA ASN H 54 3.37 -12.79 31.49
C ASN H 54 2.33 -13.81 31.94
N LYS H 55 1.34 -14.12 31.10
CA LYS H 55 0.28 -15.08 31.43
C LYS H 55 -0.44 -14.68 32.70
N ARG H 56 -0.56 -13.37 32.93
CA ARG H 56 -1.30 -12.84 34.06
C ARG H 56 -2.71 -12.45 33.63
N SER H 57 -3.61 -12.37 34.61
CA SER H 57 -5.01 -12.08 34.35
C SER H 57 -5.50 -10.84 35.07
N THR H 58 -4.66 -10.17 35.84
CA THR H 58 -5.05 -9.00 36.62
C THR H 58 -4.17 -7.82 36.24
N ILE H 59 -4.79 -6.66 36.05
CA ILE H 59 -4.06 -5.43 35.75
C ILE H 59 -3.92 -4.66 37.07
N THR H 60 -2.73 -4.65 37.61
CA THR H 60 -2.45 -4.01 38.89
C THR H 60 -1.59 -2.77 38.67
N SER H 61 -1.18 -2.13 39.78
CA SER H 61 -0.32 -0.96 39.69
C SER H 61 1.02 -1.26 39.03
N ARG H 62 1.52 -2.48 39.20
CA ARG H 62 2.79 -2.86 38.58
C ARG H 62 2.72 -2.78 37.07
N GLU H 63 1.70 -3.38 36.45
CA GLU H 63 1.55 -3.31 35.01
C GLU H 63 1.34 -1.90 34.50
N ILE H 64 0.54 -1.09 35.20
CA ILE H 64 0.32 0.29 34.81
C ILE H 64 1.61 1.10 34.87
N GLN H 65 2.40 0.95 35.93
CA GLN H 65 3.67 1.69 36.02
C GLN H 65 4.67 1.19 34.99
N THR H 66 4.65 -0.10 34.69
CA THR H 66 5.49 -0.61 33.61
C THR H 66 5.11 0.02 32.28
N ALA H 67 3.82 0.10 31.99
CA ALA H 67 3.37 0.74 30.75
C ALA H 67 3.76 2.22 30.73
N VAL H 68 3.61 2.91 31.86
CA VAL H 68 3.99 4.31 31.94
C VAL H 68 5.48 4.48 31.64
N ARG H 69 6.30 3.60 32.20
CA ARG H 69 7.74 3.64 31.93
C ARG H 69 8.03 3.36 30.46
N LEU H 70 7.28 2.46 29.83
CA LEU H 70 7.45 2.20 28.41
C LEU H 70 7.12 3.42 27.56
N LEU H 71 5.98 4.06 27.80
CA LEU H 71 5.52 5.11 26.90
C LEU H 71 6.09 6.49 27.22
N LEU H 72 6.12 6.87 28.48
CA LEU H 72 6.60 8.21 28.79
C LEU H 72 8.11 8.28 28.60
N PRO H 73 8.61 9.20 27.77
CA PRO H 73 10.04 9.25 27.49
C PRO H 73 10.83 10.04 28.52
N GLY H 74 11.67 9.32 29.25
CA GLY H 74 12.65 9.97 30.11
C GLY H 74 12.05 10.67 31.31
N GLU H 75 12.16 12.00 31.32
CA GLU H 75 11.86 12.80 32.49
C GLU H 75 10.41 12.69 32.95
N LEU H 76 9.45 12.70 32.01
CA LEU H 76 8.05 12.55 32.40
C LEU H 76 7.80 11.22 33.09
N ALA H 77 8.40 10.14 32.59
CA ALA H 77 8.29 8.85 33.27
C ALA H 77 8.82 8.90 34.69
N LYS H 78 9.98 9.53 34.90
CA LYS H 78 10.50 9.69 36.25
C LYS H 78 9.55 10.47 37.15
N HIS H 79 8.97 11.56 36.63
CA HIS H 79 7.99 12.30 37.42
C HIS H 79 6.71 11.51 37.62
N ALA H 80 6.19 10.90 36.56
CA ALA H 80 4.92 10.19 36.64
C ALA H 80 4.98 9.01 37.61
N VAL H 81 6.06 8.25 37.61
CA VAL H 81 6.19 7.16 38.58
C VAL H 81 6.15 7.70 40.00
N SER H 82 6.86 8.79 40.27
CA SER H 82 6.87 9.35 41.62
C SER H 82 5.48 9.81 42.04
N GLU H 83 4.81 10.57 41.19
CA GLU H 83 3.47 11.05 41.54
C GLU H 83 2.47 9.92 41.71
N GLY H 84 2.51 8.91 40.85
CA GLY H 84 1.61 7.79 40.99
C GLY H 84 1.86 6.96 42.23
N THR H 85 3.15 6.70 42.53
CA THR H 85 3.47 5.96 43.75
C THR H 85 3.04 6.73 44.99
N LYS H 86 3.23 8.06 45.00
CA LYS H 86 2.75 8.86 46.12
C LYS H 86 1.24 8.72 46.30
N ALA H 87 0.49 8.80 45.20
CA ALA H 87 -0.96 8.67 45.27
C ALA H 87 -1.38 7.29 45.76
N VAL H 88 -0.73 6.23 45.26
CA VAL H 88 -1.08 4.88 45.69
C VAL H 88 -0.76 4.69 47.16
N THR H 89 0.39 5.19 47.62
CA THR H 89 0.74 5.08 49.03
C THR H 89 -0.27 5.82 49.91
N LYS H 90 -0.66 7.03 49.51
CA LYS H 90 -1.64 7.78 50.30
C LYS H 90 -3.00 7.10 50.28
N TYR H 91 -3.40 6.50 49.16
CA TYR H 91 -4.66 5.79 49.11
C TYR H 91 -4.65 4.57 50.01
N THR H 92 -3.54 3.82 50.01
CA THR H 92 -3.40 2.69 50.92
C THR H 92 -3.33 3.11 52.38
N SER H 93 -2.84 4.32 52.65
CA SER H 93 -2.78 4.81 54.02
C SER H 93 -4.15 5.16 54.59
N ALA H 94 -5.17 5.26 53.73
CA ALA H 94 -6.51 5.57 54.19
C ALA H 94 -7.44 4.37 54.02
N LEU K 1 -30.24 -20.82 -48.51
CA LEU K 1 -30.57 -19.42 -48.65
C LEU K 1 -30.03 -18.66 -47.45
N ARG K 2 -29.37 -17.52 -47.71
CA ARG K 2 -28.83 -16.65 -46.66
C ARG K 2 -27.72 -17.34 -45.87
N VAL K 3 -27.23 -18.47 -46.37
CA VAL K 3 -26.27 -19.27 -45.62
C VAL K 3 -24.91 -18.56 -45.56
N GLU K 4 -24.52 -17.90 -46.65
CA GLU K 4 -23.18 -17.33 -46.72
C GLU K 4 -22.97 -16.25 -45.66
N GLU K 5 -23.91 -15.32 -45.52
CA GLU K 5 -23.74 -14.33 -44.47
C GLU K 5 -23.97 -14.92 -43.09
N VAL K 6 -24.67 -16.06 -43.01
CA VAL K 6 -24.72 -16.78 -41.74
C VAL K 6 -23.31 -17.17 -41.31
N GLN K 7 -22.55 -17.79 -42.21
CA GLN K 7 -21.17 -18.12 -41.86
C GLN K 7 -20.30 -16.87 -41.69
N ASN K 8 -20.60 -15.79 -42.40
CA ASN K 8 -19.87 -14.55 -42.16
C ASN K 8 -20.08 -14.06 -40.73
N VAL K 9 -21.32 -14.10 -40.25
CA VAL K 9 -21.59 -13.70 -38.88
C VAL K 9 -20.97 -14.70 -37.90
N ILE K 10 -20.92 -15.98 -38.27
CA ILE K 10 -20.24 -16.97 -37.44
C ILE K 10 -18.77 -16.62 -37.28
N ASN K 11 -18.14 -16.23 -38.39
CA ASN K 11 -16.78 -15.73 -38.32
C ASN K 11 -16.69 -14.49 -37.44
N ALA K 12 -17.71 -13.63 -37.49
CA ALA K 12 -17.73 -12.46 -36.62
C ALA K 12 -17.70 -12.87 -35.16
N MET K 13 -18.58 -13.77 -34.75
CA MET K 13 -18.57 -14.25 -33.37
C MET K 13 -17.21 -14.83 -33.01
N GLN K 14 -16.70 -15.78 -33.83
CA GLN K 14 -15.46 -16.45 -33.45
C GLN K 14 -14.30 -15.48 -33.41
N LYS K 15 -14.35 -14.41 -34.19
CA LYS K 15 -13.32 -13.37 -34.09
C LYS K 15 -13.45 -12.63 -32.77
N ILE K 16 -14.68 -12.25 -32.40
CA ILE K 16 -14.88 -11.55 -31.13
C ILE K 16 -14.52 -12.41 -29.93
N LEU K 17 -14.60 -13.73 -30.05
CA LEU K 17 -14.29 -14.62 -28.95
C LEU K 17 -12.94 -15.32 -29.09
N GLU K 18 -12.12 -14.92 -30.05
CA GLU K 18 -10.79 -15.48 -30.16
C GLU K 18 -9.83 -14.79 -29.18
N CYS K 19 -8.81 -15.53 -28.74
CA CYS K 19 -7.79 -14.98 -27.86
C CYS K 19 -7.10 -13.82 -28.57
N PRO K 20 -7.37 -12.58 -28.16
CA PRO K 20 -6.76 -11.44 -28.86
C PRO K 20 -5.25 -11.44 -28.76
N ILE K 21 -4.70 -11.92 -27.64
CA ILE K 21 -3.26 -11.98 -27.46
C ILE K 21 -2.66 -13.28 -27.95
N CYS K 22 -3.47 -14.30 -28.19
CA CYS K 22 -2.98 -15.66 -28.39
C CYS K 22 -3.60 -16.37 -29.58
N LEU K 23 -4.75 -15.91 -30.09
CA LEU K 23 -5.42 -16.53 -31.23
C LEU K 23 -5.78 -17.99 -30.96
N GLU K 24 -6.06 -18.31 -29.71
CA GLU K 24 -6.43 -19.66 -29.31
C GLU K 24 -7.82 -19.64 -28.71
N LEU K 25 -8.68 -20.56 -29.17
CA LEU K 25 -10.05 -20.61 -28.68
C LEU K 25 -10.07 -20.77 -27.16
N ILE K 26 -10.66 -19.79 -26.49
CA ILE K 26 -10.68 -19.76 -25.02
C ILE K 26 -11.63 -20.85 -24.55
N LYS K 27 -11.08 -21.92 -23.98
CA LYS K 27 -11.91 -23.02 -23.51
C LYS K 27 -12.81 -22.59 -22.35
N GLU K 28 -12.27 -21.80 -21.42
CA GLU K 28 -13.07 -21.22 -20.35
C GLU K 28 -12.56 -19.80 -20.10
N PRO K 29 -13.45 -18.81 -20.06
CA PRO K 29 -13.01 -17.42 -20.01
C PRO K 29 -12.22 -17.09 -18.76
N VAL K 30 -11.21 -16.24 -18.92
CA VAL K 30 -10.44 -15.69 -17.81
C VAL K 30 -10.30 -14.20 -18.10
N SER K 31 -11.08 -13.37 -17.40
CA SER K 31 -11.22 -11.96 -17.71
C SER K 31 -10.79 -11.11 -16.54
N THR K 32 -10.18 -9.96 -16.85
CA THR K 32 -9.87 -8.95 -15.86
C THR K 32 -11.00 -7.91 -15.81
N LYS K 33 -10.84 -6.92 -14.93
CA LYS K 33 -11.80 -5.82 -14.88
C LYS K 33 -11.75 -4.96 -16.12
N CYS K 34 -10.68 -5.03 -16.90
CA CYS K 34 -10.67 -4.43 -18.23
C CYS K 34 -11.53 -5.21 -19.21
N ASP K 35 -12.03 -6.37 -18.80
CA ASP K 35 -12.95 -7.20 -19.57
C ASP K 35 -12.28 -7.84 -20.78
N HIS K 36 -10.95 -7.84 -20.81
CA HIS K 36 -10.24 -8.59 -21.82
C HIS K 36 -10.39 -10.09 -21.55
N ILE K 37 -10.11 -10.90 -22.58
CA ILE K 37 -10.32 -12.34 -22.52
C ILE K 37 -9.00 -13.03 -22.81
N PHE K 38 -8.66 -14.02 -21.98
CA PHE K 38 -7.47 -14.84 -22.17
C PHE K 38 -7.85 -16.30 -22.32
N CYS K 39 -7.04 -17.04 -23.07
CA CYS K 39 -7.17 -18.48 -23.19
C CYS K 39 -6.28 -19.21 -22.19
N LYS K 40 -6.06 -18.61 -21.02
CA LYS K 40 -5.19 -19.11 -19.97
C LYS K 40 -3.72 -18.99 -20.37
N PHE K 41 -2.84 -19.04 -19.36
CA PHE K 41 -1.39 -19.20 -19.44
C PHE K 41 -0.68 -18.07 -20.18
N CYS K 42 -1.45 -17.24 -20.87
CA CYS K 42 -0.87 -16.03 -21.45
C CYS K 42 -0.42 -15.11 -20.33
N MET K 43 -1.21 -15.02 -19.27
CA MET K 43 -0.83 -14.21 -18.11
C MET K 43 0.40 -14.75 -17.42
N LEU K 44 0.56 -16.08 -17.38
CA LEU K 44 1.72 -16.61 -16.66
C LEU K 44 3.00 -16.41 -17.46
N LYS K 45 2.97 -16.63 -18.78
CA LYS K 45 4.14 -16.19 -19.55
C LYS K 45 4.33 -14.68 -19.51
N LEU K 46 3.26 -13.91 -19.33
CA LEU K 46 3.45 -12.46 -19.14
C LEU K 46 4.23 -12.17 -17.86
N LEU K 47 3.89 -12.86 -16.78
CA LEU K 47 4.53 -12.64 -15.50
C LEU K 47 5.86 -13.38 -15.36
N ASN K 48 6.23 -14.20 -16.35
CA ASN K 48 7.53 -14.85 -16.33
C ASN K 48 8.58 -14.04 -17.08
N GLN K 49 8.20 -13.41 -18.19
CA GLN K 49 9.16 -12.63 -18.96
C GLN K 49 9.56 -11.35 -18.27
N LYS K 50 8.87 -10.97 -17.20
CA LYS K 50 9.23 -9.81 -16.40
C LYS K 50 8.84 -10.07 -14.95
N LYS K 51 9.50 -9.34 -14.05
CA LYS K 51 9.34 -9.57 -12.61
C LYS K 51 8.62 -8.41 -11.93
N GLY K 52 7.84 -7.63 -12.67
CA GLY K 52 7.17 -6.49 -12.11
C GLY K 52 5.68 -6.45 -12.39
N PRO K 53 5.06 -5.30 -12.20
CA PRO K 53 3.62 -5.18 -12.47
C PRO K 53 3.32 -5.42 -13.93
N SER K 54 2.18 -6.06 -14.19
CA SER K 54 1.80 -6.39 -15.55
C SER K 54 1.20 -5.18 -16.25
N GLN K 55 1.23 -5.21 -17.58
CA GLN K 55 0.66 -4.19 -18.43
C GLN K 55 -0.51 -4.76 -19.20
N CYS K 56 -1.54 -3.97 -19.41
CA CYS K 56 -2.75 -4.44 -20.08
C CYS K 56 -2.41 -4.84 -21.50
N PRO K 57 -2.79 -6.05 -21.92
CA PRO K 57 -2.33 -6.55 -23.22
C PRO K 57 -2.88 -5.79 -24.41
N LEU K 58 -4.20 -5.71 -24.55
CA LEU K 58 -4.80 -4.98 -25.66
C LEU K 58 -5.01 -3.52 -25.28
N CYS K 59 -5.53 -3.28 -24.09
CA CYS K 59 -5.70 -1.94 -23.55
C CYS K 59 -4.37 -1.42 -23.01
N LYS K 60 -4.40 -0.34 -22.24
CA LYS K 60 -3.17 0.31 -21.81
C LYS K 60 -2.58 -0.27 -20.54
N ASN K 61 -3.26 -0.14 -19.41
CA ASN K 61 -2.77 -0.73 -18.17
C ASN K 61 -3.92 -0.98 -17.20
N ASP K 62 -4.38 -2.23 -17.09
CA ASP K 62 -5.48 -2.54 -16.19
C ASP K 62 -5.30 -3.88 -15.47
N ILE K 63 -4.05 -4.34 -15.30
CA ILE K 63 -3.82 -5.64 -14.71
C ILE K 63 -2.55 -5.58 -13.88
N THR K 64 -2.58 -6.24 -12.72
CA THR K 64 -1.40 -6.43 -11.88
C THR K 64 -1.25 -7.89 -11.47
N LYS K 65 -1.62 -8.80 -12.38
CA LYS K 65 -1.60 -10.24 -12.17
C LYS K 65 -2.65 -10.66 -11.13
N ARG K 66 -3.19 -11.87 -11.30
CA ARG K 66 -4.15 -12.52 -10.40
C ARG K 66 -5.33 -11.61 -10.05
N SER K 67 -5.50 -10.52 -10.77
CA SER K 67 -6.68 -9.68 -10.65
C SER K 67 -7.84 -10.23 -11.47
N LEU K 68 -7.57 -11.20 -12.33
CA LEU K 68 -8.60 -11.86 -13.10
C LEU K 68 -9.54 -12.63 -12.20
N GLN K 69 -10.69 -13.01 -12.76
CA GLN K 69 -11.66 -13.82 -12.05
C GLN K 69 -12.21 -14.88 -12.99
N GLU K 70 -12.65 -15.99 -12.40
CA GLU K 70 -13.01 -17.19 -13.16
C GLU K 70 -14.36 -16.98 -13.83
N SER K 71 -14.34 -16.21 -14.91
CA SER K 71 -15.55 -15.97 -15.71
C SER K 71 -15.92 -17.23 -16.46
N THR K 72 -17.12 -17.74 -16.21
CA THR K 72 -17.61 -18.97 -16.86
C THR K 72 -18.84 -18.71 -17.72
N ARG K 73 -19.02 -17.48 -18.20
CA ARG K 73 -20.20 -17.16 -18.98
C ARG K 73 -20.13 -17.71 -20.41
N PHE K 74 -18.92 -17.91 -20.93
CA PHE K 74 -18.73 -18.44 -22.26
C PHE K 74 -18.21 -19.87 -22.23
N SER K 75 -17.81 -20.37 -21.06
CA SER K 75 -17.27 -21.72 -20.99
C SER K 75 -18.27 -22.74 -21.52
N GLN K 76 -19.54 -22.62 -21.12
CA GLN K 76 -20.56 -23.52 -21.61
C GLN K 76 -20.86 -23.27 -23.08
N LEU K 77 -20.73 -22.01 -23.54
CA LEU K 77 -21.17 -21.66 -24.88
C LEU K 77 -20.16 -22.05 -25.94
N VAL K 78 -18.88 -22.18 -25.57
CA VAL K 78 -17.85 -22.53 -26.55
C VAL K 78 -18.21 -23.82 -27.26
N GLU K 79 -18.23 -24.92 -26.50
CA GLU K 79 -18.52 -26.23 -27.08
C GLU K 79 -19.94 -26.31 -27.63
N GLU K 80 -20.87 -25.56 -27.04
CA GLU K 80 -22.22 -25.51 -27.58
C GLU K 80 -22.19 -25.01 -29.02
N LEU K 81 -21.77 -23.76 -29.22
CA LEU K 81 -21.75 -23.20 -30.56
C LEU K 81 -20.89 -24.02 -31.51
N LEU K 82 -19.83 -24.66 -30.99
CA LEU K 82 -19.06 -25.58 -31.82
C LEU K 82 -19.93 -26.75 -32.28
N LYS K 83 -20.75 -27.29 -31.38
CA LYS K 83 -21.64 -28.38 -31.77
C LYS K 83 -22.63 -27.94 -32.82
N ILE K 84 -23.23 -26.76 -32.65
CA ILE K 84 -24.18 -26.28 -33.66
C ILE K 84 -23.49 -26.06 -35.00
N ILE K 85 -22.31 -25.43 -35.01
CA ILE K 85 -21.66 -25.15 -36.29
C ILE K 85 -21.28 -26.45 -36.99
N CYS K 86 -20.73 -27.42 -36.26
CA CYS K 86 -20.37 -28.67 -36.91
C CYS K 86 -21.60 -29.43 -37.38
N ALA K 87 -22.66 -29.45 -36.56
CA ALA K 87 -23.90 -30.10 -36.96
C ALA K 87 -24.52 -29.41 -38.15
N PHE K 88 -24.53 -28.07 -38.17
CA PHE K 88 -25.06 -27.32 -39.30
C PHE K 88 -24.27 -27.55 -40.57
N GLN K 89 -22.94 -27.67 -40.46
CA GLN K 89 -22.14 -28.08 -41.61
C GLN K 89 -22.58 -29.47 -42.08
N LEU K 90 -22.79 -30.38 -41.14
CA LEU K 90 -23.33 -31.70 -41.45
C LEU K 90 -24.79 -31.61 -41.90
N ASP K 91 -25.56 -30.72 -41.27
CA ASP K 91 -26.98 -30.59 -41.60
C ASP K 91 -27.19 -30.13 -43.04
N THR K 92 -26.37 -29.21 -43.49
CA THR K 92 -26.50 -28.65 -44.83
C THR K 92 -25.29 -28.98 -45.70
N TRP L 9 -31.11 -26.72 -39.99
CA TRP L 9 -32.42 -26.22 -40.38
C TRP L 9 -33.49 -26.64 -39.38
N ALA L 10 -33.15 -27.62 -38.54
CA ALA L 10 -34.06 -28.09 -37.50
C ALA L 10 -33.43 -27.89 -36.13
N HIS L 11 -32.13 -28.16 -36.04
CA HIS L 11 -31.39 -27.90 -34.79
C HIS L 11 -31.20 -26.41 -34.55
N SER L 12 -31.55 -25.58 -35.54
CA SER L 12 -31.40 -24.14 -35.39
C SER L 12 -32.27 -23.61 -34.25
N ARG L 13 -33.50 -24.12 -34.13
CA ARG L 13 -34.38 -23.68 -33.06
C ARG L 13 -33.82 -24.05 -31.69
N ALA L 14 -33.29 -25.27 -31.56
CA ALA L 14 -32.68 -25.67 -30.29
C ALA L 14 -31.47 -24.82 -29.97
N ALA L 15 -30.65 -24.52 -30.99
CA ALA L 15 -29.51 -23.63 -30.80
C ALA L 15 -29.96 -22.28 -30.28
N LEU L 16 -30.95 -21.68 -30.95
CA LEU L 16 -31.42 -20.37 -30.52
C LEU L 16 -31.96 -20.43 -29.10
N ASP L 17 -32.74 -21.47 -28.78
CA ASP L 17 -33.31 -21.59 -27.44
C ASP L 17 -32.23 -21.66 -26.37
N ARG L 18 -31.19 -22.47 -26.61
CA ARG L 18 -30.05 -22.48 -25.71
C ARG L 18 -29.40 -21.11 -25.63
N LEU L 19 -29.41 -20.37 -26.74
CA LEU L 19 -28.82 -19.03 -26.73
C LEU L 19 -29.55 -18.13 -25.74
N GLU L 20 -30.88 -18.02 -25.84
CA GLU L 20 -31.52 -17.12 -24.87
C GLU L 20 -31.43 -17.69 -23.47
N LYS L 21 -31.44 -19.02 -23.33
CA LYS L 21 -31.28 -19.61 -22.02
C LYS L 21 -29.95 -19.21 -21.38
N LEU L 22 -28.90 -19.05 -22.17
CA LEU L 22 -27.61 -18.62 -21.65
C LEU L 22 -27.42 -17.11 -21.63
N LEU L 23 -28.32 -16.34 -22.24
CA LEU L 23 -28.16 -14.88 -22.26
C LEU L 23 -29.30 -14.09 -21.65
N ARG L 24 -30.51 -14.64 -21.58
CA ARG L 24 -31.65 -13.84 -21.13
C ARG L 24 -31.50 -13.43 -19.67
N CYS L 25 -32.26 -12.42 -19.30
CA CYS L 25 -32.36 -12.01 -17.91
C CYS L 25 -32.96 -13.14 -17.09
N SER L 26 -32.46 -13.30 -15.87
CA SER L 26 -33.06 -14.25 -14.93
C SER L 26 -34.07 -13.59 -14.01
N ARG L 27 -33.99 -12.27 -13.85
CA ARG L 27 -35.03 -11.55 -13.12
C ARG L 27 -36.17 -11.17 -14.04
N CYS L 28 -35.86 -10.50 -15.15
CA CYS L 28 -36.89 -10.09 -16.10
C CYS L 28 -37.38 -11.27 -16.94
N THR L 29 -36.47 -12.13 -17.39
CA THR L 29 -36.77 -13.22 -18.31
C THR L 29 -37.35 -12.72 -19.64
N ASN L 30 -36.88 -11.57 -20.10
CA ASN L 30 -37.22 -11.06 -21.42
C ASN L 30 -36.03 -10.25 -21.93
N ILE L 31 -36.28 -9.38 -22.91
CA ILE L 31 -35.20 -8.62 -23.53
C ILE L 31 -34.43 -7.82 -22.48
N LEU L 32 -33.10 -7.92 -22.55
CA LEU L 32 -32.24 -7.26 -21.58
C LEU L 32 -32.23 -5.76 -21.79
N ARG L 33 -31.92 -5.02 -20.72
CA ARG L 33 -31.71 -3.58 -20.78
C ARG L 33 -30.36 -3.27 -20.17
N GLU L 34 -29.37 -3.01 -21.05
CA GLU L 34 -27.98 -2.73 -20.76
C GLU L 34 -27.46 -3.49 -19.53
N PRO L 35 -27.68 -4.81 -19.45
CA PRO L 35 -27.26 -5.55 -18.26
C PRO L 35 -25.74 -5.50 -18.09
N VAL L 36 -25.31 -5.40 -16.84
CA VAL L 36 -23.90 -5.39 -16.50
C VAL L 36 -23.67 -6.35 -15.34
N CYS L 37 -22.67 -7.22 -15.49
CA CYS L 37 -22.27 -8.12 -14.41
C CYS L 37 -21.25 -7.40 -13.53
N LEU L 38 -21.57 -7.27 -12.24
CA LEU L 38 -20.68 -6.57 -11.32
C LEU L 38 -19.35 -7.29 -11.15
N GLY L 39 -19.30 -8.59 -11.43
CA GLY L 39 -18.07 -9.34 -11.26
C GLY L 39 -18.31 -10.81 -10.99
N GLY L 40 -17.72 -11.32 -9.91
CA GLY L 40 -17.79 -12.73 -9.58
C GLY L 40 -19.16 -13.26 -9.27
N CYS L 41 -20.12 -12.41 -8.92
CA CYS L 41 -21.47 -12.87 -8.66
C CYS L 41 -22.23 -13.04 -9.98
N GLU L 42 -22.92 -14.15 -10.10
CA GLU L 42 -23.58 -14.54 -11.35
C GLU L 42 -24.95 -13.86 -11.44
N HIS L 43 -24.93 -12.61 -11.88
CA HIS L 43 -26.14 -11.82 -12.06
C HIS L 43 -26.26 -11.43 -13.53
N ILE L 44 -27.25 -11.99 -14.21
CA ILE L 44 -27.55 -11.70 -15.60
C ILE L 44 -28.76 -10.78 -15.72
N PHE L 45 -29.21 -10.24 -14.59
CA PHE L 45 -30.34 -9.33 -14.59
C PHE L 45 -29.99 -8.04 -15.33
N CYS L 46 -31.02 -7.34 -15.79
CA CYS L 46 -30.79 -6.09 -16.48
C CYS L 46 -30.25 -5.04 -15.51
N SER L 47 -29.74 -3.94 -16.07
CA SER L 47 -29.28 -2.85 -15.23
C SER L 47 -30.43 -2.22 -14.46
N ASN L 48 -31.60 -2.09 -15.10
CA ASN L 48 -32.76 -1.56 -14.41
C ASN L 48 -33.24 -2.49 -13.29
N CYS L 49 -32.91 -3.79 -13.38
CA CYS L 49 -33.20 -4.70 -12.27
C CYS L 49 -32.45 -4.25 -11.01
N VAL L 50 -31.21 -3.80 -11.18
CA VAL L 50 -30.38 -3.35 -10.08
C VAL L 50 -30.23 -1.84 -10.05
N SER L 51 -30.86 -1.11 -10.97
CA SER L 51 -30.73 0.34 -10.98
C SER L 51 -31.24 0.95 -9.68
N ASP L 52 -32.30 0.39 -9.10
CA ASP L 52 -32.77 0.82 -7.80
C ASP L 52 -32.28 -0.06 -6.66
N CYS L 53 -31.68 -1.21 -6.98
CA CYS L 53 -31.12 -2.12 -5.98
C CYS L 53 -29.67 -1.80 -5.66
N ILE L 54 -29.08 -0.82 -6.35
CA ILE L 54 -27.72 -0.39 -6.01
C ILE L 54 -27.62 -0.12 -4.52
N GLY L 55 -26.57 -0.68 -3.92
CA GLY L 55 -26.53 -0.82 -2.47
C GLY L 55 -26.50 -2.29 -2.09
N THR L 56 -26.23 -2.54 -0.81
CA THR L 56 -26.04 -3.86 -0.20
C THR L 56 -25.18 -4.76 -1.09
N GLY L 57 -24.32 -4.14 -1.89
CA GLY L 57 -23.32 -4.83 -2.69
C GLY L 57 -23.86 -5.64 -3.85
N CYS L 58 -25.08 -6.15 -3.71
CA CYS L 58 -25.64 -7.08 -4.70
C CYS L 58 -27.08 -7.39 -4.32
N PRO L 59 -27.95 -7.65 -5.31
CA PRO L 59 -29.30 -8.14 -4.96
C PRO L 59 -29.30 -9.47 -4.23
N VAL L 60 -28.34 -10.34 -4.51
CA VAL L 60 -28.28 -11.66 -3.90
C VAL L 60 -26.96 -11.89 -3.18
N CYS L 61 -25.84 -11.75 -3.87
CA CYS L 61 -24.54 -12.12 -3.32
C CYS L 61 -24.11 -11.28 -2.13
N TYR L 62 -24.62 -10.05 -2.01
CA TYR L 62 -24.23 -9.14 -0.94
C TYR L 62 -22.73 -8.90 -0.94
N THR L 63 -22.13 -8.85 -2.12
CA THR L 63 -20.70 -8.60 -2.27
C THR L 63 -20.48 -7.16 -2.67
N PRO L 64 -19.74 -6.36 -1.88
CA PRO L 64 -19.65 -4.92 -2.17
C PRO L 64 -19.08 -4.64 -3.55
N ALA L 65 -19.60 -3.57 -4.16
CA ALA L 65 -19.23 -3.21 -5.53
C ALA L 65 -17.84 -2.57 -5.53
N TRP L 66 -16.83 -3.43 -5.63
CA TRP L 66 -15.45 -2.94 -5.70
C TRP L 66 -15.19 -2.21 -7.01
N ILE L 67 -15.86 -2.61 -8.08
CA ILE L 67 -15.70 -1.97 -9.38
C ILE L 67 -16.65 -0.77 -9.38
N GLN L 68 -16.17 0.34 -8.80
CA GLN L 68 -16.96 1.57 -8.79
C GLN L 68 -17.19 2.08 -10.20
N ASP L 69 -16.17 2.01 -11.05
CA ASP L 69 -16.35 2.36 -12.45
C ASP L 69 -17.18 1.29 -13.15
N LEU L 70 -17.99 1.71 -14.11
CA LEU L 70 -18.85 0.80 -14.84
C LEU L 70 -18.02 -0.05 -15.79
N LYS L 71 -17.78 -1.31 -15.41
CA LYS L 71 -17.08 -2.26 -16.27
C LYS L 71 -18.05 -2.72 -17.35
N ILE L 72 -18.11 -1.93 -18.43
CA ILE L 72 -19.09 -2.13 -19.48
C ILE L 72 -18.80 -3.46 -20.18
N ASN L 73 -19.86 -4.25 -20.39
CA ASN L 73 -19.75 -5.53 -21.06
C ASN L 73 -19.90 -5.30 -22.57
N ARG L 74 -18.85 -4.71 -23.16
CA ARG L 74 -18.86 -4.44 -24.58
C ARG L 74 -18.99 -5.74 -25.38
N GLN L 75 -18.22 -6.76 -25.01
CA GLN L 75 -18.30 -8.04 -25.70
C GLN L 75 -19.67 -8.68 -25.53
N LEU L 76 -20.28 -8.54 -24.34
CA LEU L 76 -21.56 -9.16 -24.11
C LEU L 76 -22.68 -8.44 -24.87
N ASP L 77 -22.58 -7.11 -24.96
CA ASP L 77 -23.51 -6.36 -25.79
C ASP L 77 -23.37 -6.76 -27.25
N SER L 78 -22.13 -6.94 -27.70
CA SER L 78 -21.91 -7.44 -29.06
C SER L 78 -22.58 -8.79 -29.24
N MET L 79 -22.41 -9.69 -28.26
CA MET L 79 -23.00 -11.03 -28.38
C MET L 79 -24.52 -10.96 -28.43
N ILE L 80 -25.13 -10.11 -27.62
CA ILE L 80 -26.60 -10.07 -27.62
C ILE L 80 -27.12 -9.48 -28.93
N GLN L 81 -26.42 -8.48 -29.49
CA GLN L 81 -26.92 -7.93 -30.76
C GLN L 81 -26.71 -8.92 -31.91
N LEU L 82 -25.58 -9.64 -31.92
CA LEU L 82 -25.46 -10.73 -32.89
C LEU L 82 -26.51 -11.81 -32.68
N CYS L 83 -26.89 -12.08 -31.43
CA CYS L 83 -27.99 -13.00 -31.20
C CYS L 83 -29.27 -12.48 -31.82
N SER L 84 -29.49 -11.17 -31.74
CA SER L 84 -30.68 -10.58 -32.36
C SER L 84 -30.66 -10.79 -33.87
N LYS L 85 -29.51 -10.55 -34.51
CA LYS L 85 -29.44 -10.79 -35.95
C LYS L 85 -29.61 -12.26 -36.32
N LEU L 86 -29.04 -13.18 -35.54
CA LEU L 86 -29.26 -14.60 -35.82
C LEU L 86 -30.73 -14.97 -35.66
N ARG L 87 -31.40 -14.43 -34.64
CA ARG L 87 -32.84 -14.60 -34.51
C ARG L 87 -33.57 -14.11 -35.75
N ASN L 88 -33.21 -12.91 -36.22
CA ASN L 88 -33.91 -12.33 -37.36
C ASN L 88 -33.71 -13.16 -38.62
N LEU L 89 -32.48 -13.58 -38.89
CA LEU L 89 -32.22 -14.37 -40.09
C LEU L 89 -32.78 -15.78 -39.99
N LEU L 90 -32.78 -16.36 -38.79
CA LEU L 90 -33.34 -17.70 -38.60
C LEU L 90 -34.84 -17.69 -38.86
N HIS L 91 -35.56 -16.71 -38.34
CA HIS L 91 -37.01 -16.64 -38.53
C HIS L 91 -37.30 -15.77 -39.75
N ASP L 92 -37.07 -16.35 -40.93
CA ASP L 92 -37.44 -15.69 -42.18
C ASP L 92 -38.96 -15.62 -42.33
N MET M 1 5.39 -22.90 -28.85
CA MET M 1 4.45 -21.82 -28.66
C MET M 1 4.67 -20.69 -29.65
N ALA M 2 5.94 -20.35 -29.90
CA ALA M 2 6.25 -19.34 -30.91
C ALA M 2 5.88 -19.82 -32.30
N LEU M 3 6.17 -21.08 -32.60
CA LEU M 3 5.93 -21.60 -33.94
C LEU M 3 4.44 -21.65 -34.27
N LYS M 4 3.62 -22.15 -33.34
CA LYS M 4 2.19 -22.24 -33.59
C LYS M 4 1.58 -20.86 -33.77
N ARG M 5 2.02 -19.89 -32.98
CA ARG M 5 1.55 -18.52 -33.11
C ARG M 5 1.80 -17.97 -34.51
N ILE M 6 2.93 -18.36 -35.12
CA ILE M 6 3.22 -17.96 -36.49
C ILE M 6 2.21 -18.56 -37.46
N ASN M 7 1.80 -19.81 -37.20
CA ASN M 7 0.98 -20.53 -38.16
C ASN M 7 -0.37 -19.86 -38.37
N LYS M 8 -1.02 -19.41 -37.29
CA LYS M 8 -2.32 -18.77 -37.45
C LYS M 8 -2.19 -17.37 -38.01
N GLU M 9 -1.06 -16.70 -37.76
CA GLU M 9 -0.85 -15.38 -38.33
C GLU M 9 -0.82 -15.41 -39.85
N LEU M 10 -0.15 -16.43 -40.41
CA LEU M 10 -0.12 -16.57 -41.88
C LEU M 10 -1.43 -17.16 -42.40
N SER M 11 -2.12 -17.94 -41.57
CA SER M 11 -3.30 -18.66 -42.04
C SER M 11 -4.44 -17.71 -42.39
N ASP M 12 -4.77 -16.79 -41.48
CA ASP M 12 -5.88 -15.87 -41.75
C ASP M 12 -5.53 -14.89 -42.86
N LEU M 13 -4.27 -14.41 -42.89
CA LEU M 13 -3.85 -13.52 -43.96
C LEU M 13 -3.91 -14.23 -45.31
N ALA M 14 -3.76 -15.55 -45.31
CA ALA M 14 -3.93 -16.30 -46.55
C ALA M 14 -5.36 -16.19 -47.06
N ARG M 15 -6.34 -16.33 -46.18
CA ARG M 15 -7.74 -16.16 -46.57
C ARG M 15 -8.13 -14.69 -46.74
N ASP M 16 -7.39 -13.78 -46.11
CA ASP M 16 -7.69 -12.35 -46.17
C ASP M 16 -6.39 -11.60 -46.49
N PRO M 17 -5.96 -11.63 -47.75
CA PRO M 17 -4.68 -11.00 -48.12
C PRO M 17 -4.76 -9.49 -48.01
N PRO M 18 -3.65 -8.85 -47.66
CA PRO M 18 -3.62 -7.38 -47.65
C PRO M 18 -3.78 -6.81 -49.05
N ALA M 19 -4.34 -5.61 -49.11
CA ALA M 19 -4.68 -4.96 -50.37
C ALA M 19 -3.49 -4.70 -51.26
N GLN M 20 -2.40 -4.16 -50.73
CA GLN M 20 -1.22 -3.83 -51.54
C GLN M 20 0.01 -4.60 -51.08
N SER M 21 0.32 -4.58 -49.79
CA SER M 21 1.54 -5.19 -49.28
C SER M 21 1.41 -6.70 -49.23
N SER M 22 2.56 -7.37 -49.11
CA SER M 22 2.60 -8.82 -49.07
C SER M 22 3.83 -9.26 -48.29
N ALA M 23 3.76 -10.49 -47.76
CA ALA M 23 4.85 -11.07 -46.99
C ALA M 23 4.72 -12.59 -47.03
N GLY M 24 5.78 -13.27 -46.63
CA GLY M 24 5.77 -14.71 -46.56
C GLY M 24 7.12 -15.29 -46.18
N PRO M 25 7.16 -16.58 -45.88
CA PRO M 25 8.43 -17.22 -45.55
C PRO M 25 9.31 -17.37 -46.77
N VAL M 26 10.62 -17.41 -46.53
CA VAL M 26 11.60 -17.57 -47.60
C VAL M 26 12.19 -18.97 -47.51
N GLY M 27 11.46 -19.88 -46.88
CA GLY M 27 11.93 -21.25 -46.73
C GLY M 27 11.26 -21.92 -45.56
N ASP M 28 11.84 -23.06 -45.18
CA ASP M 28 11.31 -23.82 -44.03
C ASP M 28 11.43 -23.02 -42.74
N ASP M 29 12.39 -22.10 -42.66
CA ASP M 29 12.60 -21.30 -41.45
C ASP M 29 11.47 -20.29 -41.32
N MET M 30 10.55 -20.54 -40.39
CA MET M 30 9.44 -19.62 -40.16
C MET M 30 9.91 -18.33 -39.50
N PHE M 31 11.03 -18.35 -38.79
CA PHE M 31 11.54 -17.17 -38.10
C PHE M 31 12.02 -16.08 -39.05
N HIS M 32 12.39 -16.43 -40.28
CA HIS M 32 12.88 -15.46 -41.25
C HIS M 32 11.85 -15.30 -42.36
N TRP M 33 11.31 -14.10 -42.49
CA TRP M 33 10.28 -13.78 -43.47
C TRP M 33 10.69 -12.54 -44.25
N GLN M 34 10.30 -12.51 -45.53
CA GLN M 34 10.53 -11.36 -46.37
C GLN M 34 9.19 -10.74 -46.76
N ALA M 35 9.16 -9.41 -46.81
CA ALA M 35 7.96 -8.68 -47.16
C ALA M 35 8.26 -7.66 -48.24
N THR M 36 7.27 -7.40 -49.07
CA THR M 36 7.36 -6.37 -50.10
C THR M 36 6.30 -5.32 -49.82
N ILE M 37 6.74 -4.09 -49.57
CA ILE M 37 5.84 -3.00 -49.22
C ILE M 37 5.97 -1.90 -50.27
N MET M 38 4.82 -1.44 -50.75
CA MET M 38 4.77 -0.41 -51.77
C MET M 38 4.60 0.97 -51.14
N GLY M 39 5.16 1.98 -51.79
CA GLY M 39 5.10 3.33 -51.29
C GLY M 39 3.69 3.84 -51.11
N PRO M 40 3.42 4.51 -50.00
CA PRO M 40 2.06 4.96 -49.72
C PRO M 40 1.54 5.89 -50.81
N ASN M 41 0.23 5.82 -51.05
CA ASN M 41 -0.39 6.65 -52.08
C ASN M 41 -0.25 8.12 -51.73
N ASP M 42 -0.05 8.94 -52.76
CA ASP M 42 0.12 10.39 -52.66
C ASP M 42 1.30 10.78 -51.79
N SER M 43 2.34 9.96 -51.75
CA SER M 43 3.51 10.16 -50.92
C SER M 43 4.74 10.18 -51.82
N PRO M 44 5.88 10.69 -51.32
CA PRO M 44 7.11 10.66 -52.11
C PRO M 44 7.52 9.28 -52.57
N TYR M 45 7.16 8.23 -51.82
CA TYR M 45 7.52 6.86 -52.16
C TYR M 45 6.52 6.21 -53.10
N GLN M 46 5.49 6.93 -53.53
CA GLN M 46 4.45 6.35 -54.38
C GLN M 46 5.06 5.80 -55.67
N GLY M 47 4.65 4.57 -56.02
CA GLY M 47 5.14 3.89 -57.19
C GLY M 47 6.26 2.91 -56.92
N GLY M 48 7.00 3.08 -55.83
CA GLY M 48 8.07 2.16 -55.52
C GLY M 48 7.68 1.15 -54.45
N VAL M 49 8.28 -0.04 -54.55
CA VAL M 49 8.05 -1.11 -53.60
C VAL M 49 9.35 -1.39 -52.86
N PHE M 50 9.30 -1.34 -51.54
CA PHE M 50 10.46 -1.55 -50.69
C PHE M 50 10.43 -2.96 -50.14
N PHE M 51 11.59 -3.62 -50.17
CA PHE M 51 11.71 -5.00 -49.70
C PHE M 51 12.40 -5.03 -48.35
N LEU M 52 11.83 -5.80 -47.42
CA LEU M 52 12.36 -5.92 -46.07
C LEU M 52 12.22 -7.35 -45.59
N THR M 53 13.05 -7.72 -44.61
CA THR M 53 13.07 -9.06 -44.06
C THR M 53 12.67 -9.01 -42.60
N ILE M 54 12.13 -10.11 -42.09
CA ILE M 54 11.62 -10.20 -40.74
C ILE M 54 12.33 -11.35 -40.03
N HIS M 55 12.78 -11.11 -38.80
CA HIS M 55 13.45 -12.13 -38.00
C HIS M 55 12.68 -12.35 -36.71
N PHE M 56 11.86 -13.41 -36.67
CA PHE M 56 11.08 -13.71 -35.48
C PHE M 56 12.01 -14.11 -34.33
N PRO M 57 11.77 -13.63 -33.12
CA PRO M 57 12.54 -14.10 -31.96
C PRO M 57 12.09 -15.48 -31.52
N THR M 58 12.91 -16.09 -30.66
CA THR M 58 12.61 -17.42 -30.14
C THR M 58 11.34 -17.45 -29.28
N ASP M 59 10.95 -16.34 -28.66
CA ASP M 59 9.78 -16.28 -27.81
C ASP M 59 8.67 -15.43 -28.43
N TYR M 60 8.63 -15.33 -29.74
CA TYR M 60 7.58 -14.55 -30.40
C TYR M 60 6.22 -15.11 -30.03
N PRO M 61 5.20 -14.28 -29.83
CA PRO M 61 5.16 -12.83 -30.03
C PRO M 61 5.60 -12.00 -28.84
N PHE M 62 6.11 -12.64 -27.80
CA PHE M 62 6.46 -11.93 -26.57
C PHE M 62 7.59 -10.93 -26.77
N LYS M 63 8.35 -11.04 -27.85
CA LYS M 63 9.37 -10.06 -28.18
C LYS M 63 9.19 -9.59 -29.62
N PRO M 64 9.51 -8.34 -29.91
CA PRO M 64 9.41 -7.85 -31.30
C PRO M 64 10.41 -8.55 -32.20
N PRO M 65 10.03 -8.84 -33.44
CA PRO M 65 10.98 -9.41 -34.40
C PRO M 65 11.99 -8.38 -34.87
N LYS M 66 13.08 -8.89 -35.43
CA LYS M 66 14.13 -8.04 -35.99
C LYS M 66 13.81 -7.80 -37.46
N VAL M 67 13.45 -6.56 -37.79
CA VAL M 67 13.02 -6.20 -39.15
C VAL M 67 13.83 -5.01 -39.62
N ALA M 68 14.35 -5.10 -40.84
CA ALA M 68 15.06 -4.00 -41.47
C ALA M 68 14.84 -4.05 -42.97
N PHE M 69 14.93 -2.89 -43.62
CA PHE M 69 14.81 -2.82 -45.07
C PHE M 69 16.01 -3.47 -45.74
N THR M 70 15.72 -4.25 -46.78
CA THR M 70 16.73 -4.63 -47.76
C THR M 70 16.79 -3.65 -48.92
N THR M 71 15.80 -2.78 -49.05
CA THR M 71 15.78 -1.72 -50.06
C THR M 71 16.08 -0.40 -49.38
N ARG M 72 17.07 0.33 -49.89
CA ARG M 72 17.42 1.61 -49.29
C ARG M 72 16.28 2.60 -49.41
N ILE M 73 16.02 3.32 -48.33
CA ILE M 73 14.93 4.30 -48.29
C ILE M 73 15.43 5.56 -47.61
N TYR M 74 15.08 6.71 -48.18
CA TYR M 74 15.46 8.01 -47.65
C TYR M 74 14.48 8.38 -46.54
N HIS M 75 14.94 8.32 -45.29
CA HIS M 75 14.06 8.55 -44.16
C HIS M 75 14.82 9.10 -42.98
N PRO M 76 14.29 10.11 -42.28
CA PRO M 76 15.01 10.67 -41.12
C PRO M 76 15.20 9.67 -40.00
N ASN M 77 14.38 8.63 -39.94
CA ASN M 77 14.44 7.63 -38.88
C ASN M 77 14.94 6.28 -39.38
N ILE M 78 15.41 6.19 -40.62
CA ILE M 78 15.90 4.95 -41.20
C ILE M 78 17.27 5.21 -41.81
N ASN M 79 18.22 4.32 -41.54
CA ASN M 79 19.58 4.47 -42.01
C ASN M 79 19.79 3.74 -43.33
N SER M 80 21.02 3.76 -43.83
CA SER M 80 21.37 3.08 -45.06
C SER M 80 21.42 1.56 -44.90
N ASN M 81 21.50 1.06 -43.66
CA ASN M 81 21.48 -0.37 -43.39
C ASN M 81 20.07 -0.96 -43.39
N GLY M 82 19.05 -0.13 -43.60
CA GLY M 82 17.67 -0.57 -43.50
C GLY M 82 17.12 -0.58 -42.10
N SER M 83 17.93 -0.24 -41.10
CA SER M 83 17.46 -0.23 -39.72
C SER M 83 16.38 0.83 -39.54
N ILE M 84 15.34 0.47 -38.79
CA ILE M 84 14.16 1.31 -38.61
C ILE M 84 14.00 1.63 -37.13
N CYS M 85 13.76 2.90 -36.83
CA CYS M 85 13.46 3.33 -35.46
C CYS M 85 11.96 3.54 -35.35
N LEU M 86 11.27 2.57 -34.76
CA LEU M 86 9.82 2.64 -34.61
C LEU M 86 9.48 2.38 -33.16
N ASP M 87 8.56 3.20 -32.62
CA ASP M 87 8.25 3.13 -31.20
C ASP M 87 7.59 1.81 -30.82
N ILE M 88 6.66 1.33 -31.65
CA ILE M 88 5.93 0.10 -31.32
C ILE M 88 6.84 -1.13 -31.37
N LEU M 89 7.99 -1.01 -32.02
CA LEU M 89 8.94 -2.10 -32.17
C LEU M 89 9.93 -2.19 -31.02
N ARG M 90 9.90 -1.24 -30.09
CA ARG M 90 10.91 -1.20 -29.04
C ARG M 90 10.31 -1.32 -27.63
N SER M 91 9.27 -0.54 -27.34
CA SER M 91 8.87 -0.42 -25.93
C SER M 91 7.43 -0.85 -25.69
N GLN M 92 6.49 -0.38 -26.51
CA GLN M 92 5.10 -0.81 -26.38
C GLN M 92 4.78 -2.01 -27.25
N TRP M 93 5.77 -2.85 -27.53
CA TRP M 93 5.49 -4.14 -28.13
C TRP M 93 4.49 -4.92 -27.29
N SER M 94 3.56 -5.59 -27.98
CA SER M 94 2.50 -6.34 -27.35
C SER M 94 2.07 -7.47 -28.27
N PRO M 95 2.06 -8.69 -27.77
CA PRO M 95 1.65 -9.84 -28.57
C PRO M 95 0.44 -9.54 -29.45
N ALA M 96 -0.46 -8.67 -29.00
CA ALA M 96 -1.63 -8.35 -29.80
C ALA M 96 -1.26 -7.75 -31.14
N LEU M 97 -0.04 -7.25 -31.29
CA LEU M 97 0.43 -6.73 -32.56
C LEU M 97 0.60 -7.86 -33.57
N THR M 98 0.24 -7.57 -34.82
CA THR M 98 0.32 -8.54 -35.90
C THR M 98 1.06 -7.93 -37.08
N ILE M 99 1.55 -8.81 -37.96
CA ILE M 99 2.36 -8.36 -39.10
C ILE M 99 1.55 -7.41 -39.97
N SER M 100 0.27 -7.72 -40.19
CA SER M 100 -0.56 -6.86 -41.02
C SER M 100 -0.66 -5.46 -40.46
N LYS M 101 -0.90 -5.34 -39.15
CA LYS M 101 -1.08 -4.04 -38.53
C LYS M 101 0.22 -3.23 -38.51
N VAL M 102 1.33 -3.86 -38.11
CA VAL M 102 2.58 -3.12 -37.94
C VAL M 102 3.05 -2.58 -39.29
N LEU M 103 2.74 -3.29 -40.38
CA LEU M 103 3.14 -2.83 -41.69
C LEU M 103 2.44 -1.51 -42.03
N LEU M 104 1.17 -1.39 -41.67
CA LEU M 104 0.45 -0.13 -41.88
C LEU M 104 1.07 0.99 -41.06
N SER M 105 1.62 0.67 -39.88
CA SER M 105 2.33 1.67 -39.10
C SER M 105 3.55 2.18 -39.86
N ILE M 106 4.22 1.29 -40.60
CA ILE M 106 5.36 1.71 -41.41
C ILE M 106 4.92 2.69 -42.49
N SER M 107 3.79 2.39 -43.13
CA SER M 107 3.25 3.24 -44.17
C SER M 107 3.02 4.63 -43.56
N SER M 108 2.36 4.65 -42.41
CA SER M 108 2.11 5.92 -41.73
C SER M 108 3.40 6.66 -41.43
N LEU M 109 4.44 5.94 -40.99
CA LEU M 109 5.74 6.56 -40.77
C LEU M 109 6.33 7.08 -42.08
N LEU M 110 6.06 6.38 -43.18
CA LEU M 110 6.49 6.88 -44.48
C LEU M 110 5.79 8.18 -44.81
N SER M 111 4.52 8.28 -44.45
CA SER M 111 3.75 9.50 -44.65
C SER M 111 4.03 10.52 -43.54
N ASP M 112 4.43 10.02 -42.37
CA ASP M 112 4.74 10.89 -41.23
C ASP M 112 6.05 10.45 -40.60
N PRO M 113 7.18 10.85 -41.19
CA PRO M 113 8.47 10.63 -40.53
C PRO M 113 8.56 11.43 -39.23
N ASN M 114 9.34 10.91 -38.29
CA ASN M 114 9.47 11.49 -36.95
C ASN M 114 10.87 12.07 -36.81
N PRO M 115 11.05 13.35 -37.15
CA PRO M 115 12.37 13.99 -36.99
C PRO M 115 12.80 14.11 -35.53
N ASP M 116 11.86 14.06 -34.59
CA ASP M 116 12.18 14.21 -33.18
C ASP M 116 13.06 13.09 -32.63
N ASP M 117 13.02 11.90 -33.23
CA ASP M 117 13.85 10.77 -32.81
C ASP M 117 14.58 10.19 -34.02
N PRO M 118 15.46 10.97 -34.63
CA PRO M 118 16.07 10.55 -35.89
C PRO M 118 17.09 9.43 -35.71
N LEU M 119 17.17 8.60 -36.75
CA LEU M 119 18.28 7.65 -36.88
C LEU M 119 19.38 8.19 -37.77
N VAL M 120 19.05 9.03 -38.74
CA VAL M 120 20.02 9.80 -39.51
C VAL M 120 19.73 11.27 -39.26
N PRO M 121 20.53 11.96 -38.43
CA PRO M 121 20.21 13.36 -38.10
C PRO M 121 20.14 14.29 -39.31
N GLU M 122 20.96 14.05 -40.33
CA GLU M 122 20.98 14.95 -41.48
C GLU M 122 19.66 14.93 -42.23
N ILE M 123 19.08 13.74 -42.42
CA ILE M 123 17.80 13.65 -43.12
C ILE M 123 16.70 14.32 -42.31
N ALA M 124 16.78 14.23 -40.98
CA ALA M 124 15.81 14.91 -40.13
C ALA M 124 15.85 16.42 -40.36
N ARG M 125 17.04 16.97 -40.60
CA ARG M 125 17.17 18.38 -40.95
C ARG M 125 16.47 18.65 -42.28
N ILE M 126 16.59 17.72 -43.23
CA ILE M 126 15.96 17.88 -44.53
C ILE M 126 14.44 17.95 -44.38
N TYR M 127 13.87 17.08 -43.56
CA TYR M 127 12.42 16.98 -43.47
C TYR M 127 11.82 18.20 -42.79
N LYS M 128 12.37 18.60 -41.65
CA LYS M 128 11.78 19.70 -40.89
C LYS M 128 12.00 21.06 -41.54
N THR M 129 13.21 21.35 -42.01
CA THR M 129 13.53 22.66 -42.56
C THR M 129 12.82 22.94 -43.88
N ASP M 130 12.71 21.94 -44.77
CA ASP M 130 12.00 22.12 -46.03
C ASP M 130 11.47 20.75 -46.47
N ARG M 131 10.19 20.52 -46.21
CA ARG M 131 9.57 19.25 -46.57
C ARG M 131 9.49 19.08 -48.08
N ASP M 132 9.41 20.20 -48.81
CA ASP M 132 9.14 20.13 -50.24
C ASP M 132 10.25 19.42 -51.01
N LYS M 133 11.50 19.83 -50.81
CA LYS M 133 12.58 19.21 -51.56
C LYS M 133 12.98 17.88 -50.93
N TYR M 134 12.59 17.66 -49.67
CA TYR M 134 12.75 16.33 -49.07
C TYR M 134 11.95 15.30 -49.85
N ASN M 135 10.74 15.67 -50.27
CA ASN M 135 9.99 14.84 -51.21
C ASN M 135 10.80 14.60 -52.48
N ARG M 136 11.42 15.66 -53.00
CA ARG M 136 12.19 15.53 -54.23
C ARG M 136 13.36 14.57 -54.04
N ILE M 137 14.04 14.65 -52.90
CA ILE M 137 15.10 13.69 -52.61
C ILE M 137 14.53 12.29 -52.45
N SER M 138 13.42 12.17 -51.72
CA SER M 138 12.86 10.85 -51.46
C SER M 138 12.38 10.17 -52.73
N ARG M 139 11.71 10.92 -53.61
CA ARG M 139 11.10 10.30 -54.78
C ARG M 139 12.16 9.77 -55.75
N GLU M 140 13.24 10.52 -55.96
CA GLU M 140 14.27 10.08 -56.90
C GLU M 140 14.96 8.82 -56.39
N TRP M 141 15.10 8.71 -55.07
CA TRP M 141 15.69 7.51 -54.49
C TRP M 141 14.82 6.29 -54.76
N THR M 142 13.50 6.45 -54.76
CA THR M 142 12.61 5.31 -54.99
C THR M 142 12.81 4.73 -56.39
N GLN M 143 13.02 5.58 -57.39
CA GLN M 143 13.27 5.09 -58.73
C GLN M 143 14.57 4.28 -58.80
N LYS M 144 15.60 4.71 -58.07
CA LYS M 144 16.89 4.04 -58.17
C LYS M 144 17.04 2.96 -57.10
N TYR M 145 16.28 3.04 -56.01
CA TYR M 145 16.33 2.02 -54.98
C TYR M 145 15.10 1.12 -54.94
N ALA M 146 13.90 1.67 -54.99
CA ALA M 146 12.68 0.88 -54.81
C ALA M 146 12.12 0.35 -56.12
N MET M 147 12.76 0.68 -57.25
CA MET M 147 12.32 0.17 -58.54
C MET M 147 13.52 -0.18 -59.42
ZN ZN N . -3.87 -17.04 -25.53
ZN ZN O . -7.29 -2.74 -21.58
ZN ZN P . -34.00 -7.83 -16.17
ZN ZN Q . -24.32 -11.26 -7.05
#